data_2O4C
#
_entry.id   2O4C
#
_cell.length_a   84.914
_cell.length_b   101.630
_cell.length_c   142.994
_cell.angle_alpha   90.000
_cell.angle_beta   90.000
_cell.angle_gamma   90.000
#
_symmetry.space_group_name_H-M   'P 21 21 21'
#
loop_
_entity.id
_entity.type
_entity.pdbx_description
1 polymer 'Erythronate-4-phosphate dehydrogenase'
2 non-polymer 'PHOSPHATE ION'
3 non-polymer NICOTINAMIDE-ADENINE-DINUCLEOTIDE
4 non-polymer 'L(+)-TARTARIC ACID'
5 non-polymer GLYCEROL
6 water water
#
_entity_poly.entity_id   1
_entity_poly.type   'polypeptide(L)'
_entity_poly.pdbx_seq_one_letter_code
;MRILADENIPVVDAFFADQGSIRRLPGRAIDRAALAEVDVLLVRSVTEVSRAALAGSPVRFVGTCTIGTDHLDLDYFAEA
GIAWSSAPGCNARGVVDYVLGCLLAMAEVRGADLAERTYGVVGAGQVGGRLVEVLRGLGWKVLVCDPPRQAREPDGEFVS
LERLLAEADVISLHTPLNRDGEHPTRHLLDEPRLAALRPGTWLVNASRGAVVDNQALRRLLEGGADLEVALDVWEGEPQA
DPELAARCLIATPHIAGYSLEGKLRGTAQIYQAYCAWRGIAERVSLQDVLPETWLAGLQLNPGCDPAWALATLCRAVYDP
RSDDAAFRRSLTGDSATRRAAFDALRKHYPPRREITGLRVATGGQAELQRVVRALGAQLV
;
_entity_poly.pdbx_strand_id   A,B
#
# COMPACT_ATOMS: atom_id res chain seq x y z
N MET A 1 2.23 -47.97 -7.80
CA MET A 1 2.57 -47.11 -8.97
C MET A 1 4.02 -46.65 -8.92
N ARG A 2 4.52 -46.16 -10.06
CA ARG A 2 5.83 -45.54 -10.12
C ARG A 2 5.68 -44.10 -10.61
N ILE A 3 5.90 -43.16 -9.71
CA ILE A 3 5.64 -41.75 -9.97
C ILE A 3 6.92 -41.04 -10.39
N LEU A 4 6.84 -40.29 -11.48
CA LEU A 4 7.87 -39.31 -11.81
C LEU A 4 7.26 -37.92 -11.79
N ALA A 5 7.98 -36.97 -11.22
CA ALA A 5 7.52 -35.60 -11.14
C ALA A 5 8.64 -34.61 -11.42
N ASP A 6 8.27 -33.51 -12.07
CA ASP A 6 9.12 -32.32 -12.12
C ASP A 6 9.51 -31.98 -10.68
N GLU A 7 10.81 -31.81 -10.45
CA GLU A 7 11.37 -31.60 -9.10
C GLU A 7 10.88 -30.32 -8.41
N ASN A 8 10.25 -29.43 -9.17
CA ASN A 8 9.66 -28.21 -8.62
C ASN A 8 8.22 -28.38 -8.11
N ILE A 9 7.59 -29.50 -8.44
CA ILE A 9 6.23 -29.80 -7.97
C ILE A 9 6.21 -30.10 -6.47
N PRO A 10 5.48 -29.28 -5.69
CA PRO A 10 5.50 -29.44 -4.24
C PRO A 10 4.60 -30.57 -3.72
N VAL A 11 4.92 -31.03 -2.51
CA VAL A 11 4.09 -31.96 -1.69
C VAL A 11 3.66 -33.25 -2.40
N VAL A 12 4.51 -33.75 -3.28
CA VAL A 12 4.28 -35.03 -3.94
C VAL A 12 4.31 -36.18 -2.93
N ASP A 13 5.22 -36.12 -1.96
CA ASP A 13 5.30 -37.16 -0.92
C ASP A 13 4.04 -37.27 -0.08
N ALA A 14 3.55 -36.14 0.43
CA ALA A 14 2.33 -36.12 1.26
C ALA A 14 1.16 -36.73 0.52
N PHE A 15 1.05 -36.45 -0.77
CA PHE A 15 -0.07 -36.95 -1.55
C PHE A 15 0.15 -38.35 -2.17
N PHE A 16 1.41 -38.71 -2.44
CA PHE A 16 1.70 -39.93 -3.21
C PHE A 16 2.56 -41.02 -2.55
N ALA A 17 3.19 -40.75 -1.40
CA ALA A 17 4.07 -41.73 -0.74
C ALA A 17 3.43 -43.12 -0.57
N ASP A 18 2.14 -43.12 -0.29
CA ASP A 18 1.34 -44.33 -0.12
C ASP A 18 1.05 -45.08 -1.43
N GLN A 19 1.42 -44.50 -2.55
CA GLN A 19 1.07 -45.06 -3.86
C GLN A 19 2.21 -45.82 -4.53
N GLY A 20 3.40 -45.73 -3.94
CA GLY A 20 4.57 -46.45 -4.46
C GLY A 20 5.82 -45.59 -4.51
N SER A 21 6.63 -45.80 -5.53
CA SER A 21 7.92 -45.12 -5.69
C SER A 21 7.77 -43.70 -6.27
N ILE A 22 8.67 -42.81 -5.87
CA ILE A 22 8.66 -41.44 -6.34
C ILE A 22 10.05 -41.02 -6.83
N ARG A 23 10.15 -40.72 -8.13
CA ARG A 23 11.36 -40.20 -8.71
C ARG A 23 11.10 -38.77 -9.13
N ARG A 24 12.15 -37.95 -9.09
CA ARG A 24 12.08 -36.57 -9.56
C ARG A 24 13.15 -36.31 -10.62
N LEU A 25 12.88 -35.31 -11.46
CA LEU A 25 13.79 -34.88 -12.52
C LEU A 25 13.52 -33.41 -12.82
N PRO A 26 14.56 -32.68 -13.28
CA PRO A 26 14.25 -31.36 -13.84
C PRO A 26 13.26 -31.48 -15.01
N GLY A 27 12.42 -30.47 -15.19
CA GLY A 27 11.41 -30.46 -16.23
C GLY A 27 11.90 -30.80 -17.62
N ARG A 28 12.89 -30.05 -18.10
CA ARG A 28 13.40 -30.22 -19.47
C ARG A 28 14.13 -31.53 -19.71
N ALA A 29 14.52 -32.19 -18.62
CA ALA A 29 15.22 -33.47 -18.68
C ALA A 29 14.26 -34.67 -18.74
N ILE A 30 12.97 -34.39 -18.84
CA ILE A 30 11.97 -35.46 -18.95
C ILE A 30 11.66 -35.76 -20.42
N ASP A 31 11.99 -36.99 -20.83
CA ASP A 31 11.73 -37.47 -22.19
C ASP A 31 11.36 -38.96 -22.19
N ARG A 32 11.31 -39.55 -23.38
CA ARG A 32 10.94 -40.97 -23.56
C ARG A 32 11.92 -41.92 -22.85
N ALA A 33 13.21 -41.55 -22.86
CA ALA A 33 14.22 -42.26 -22.10
C ALA A 33 13.84 -42.29 -20.61
N ALA A 34 13.61 -41.10 -20.06
CA ALA A 34 13.25 -40.92 -18.66
C ALA A 34 11.90 -41.54 -18.25
N LEU A 35 11.06 -41.86 -19.23
CA LEU A 35 9.68 -42.32 -18.96
C LEU A 35 9.47 -43.83 -19.02
N ALA A 36 10.56 -44.58 -19.19
CA ALA A 36 10.49 -46.04 -19.34
C ALA A 36 9.89 -46.72 -18.11
N GLU A 37 10.16 -46.14 -16.94
CA GLU A 37 9.84 -46.75 -15.65
C GLU A 37 8.70 -46.01 -14.92
N VAL A 38 7.83 -45.33 -15.68
CA VAL A 38 6.86 -44.40 -15.11
C VAL A 38 5.41 -44.77 -15.43
N ASP A 39 4.59 -44.88 -14.39
CA ASP A 39 3.14 -45.09 -14.55
C ASP A 39 2.36 -43.78 -14.38
N VAL A 40 2.71 -43.03 -13.33
CA VAL A 40 2.09 -41.75 -13.04
C VAL A 40 3.09 -40.63 -13.29
N LEU A 41 2.72 -39.72 -14.20
CA LEU A 41 3.59 -38.61 -14.56
C LEU A 41 3.00 -37.28 -14.10
N LEU A 42 3.79 -36.51 -13.37
CA LEU A 42 3.36 -35.18 -12.91
C LEU A 42 4.30 -34.16 -13.51
N VAL A 43 3.75 -33.21 -14.26
CA VAL A 43 4.56 -32.27 -15.01
C VAL A 43 4.20 -30.79 -14.81
N ARG A 44 5.07 -29.94 -15.34
CA ARG A 44 4.87 -28.51 -15.46
C ARG A 44 4.88 -28.20 -16.97
N SER A 45 4.69 -26.94 -17.35
CA SER A 45 4.58 -26.54 -18.76
C SER A 45 5.89 -26.71 -19.56
N VAL A 46 7.01 -26.75 -18.85
CA VAL A 46 8.34 -26.84 -19.47
C VAL A 46 8.66 -28.18 -20.13
N THR A 47 7.85 -29.22 -19.90
CA THR A 47 8.04 -30.53 -20.55
C THR A 47 6.89 -30.97 -21.46
N GLU A 48 7.26 -31.37 -22.68
CA GLU A 48 6.31 -31.86 -23.67
C GLU A 48 5.87 -33.28 -23.35
N VAL A 49 4.56 -33.48 -23.21
CA VAL A 49 4.01 -34.81 -23.00
C VAL A 49 3.39 -35.27 -24.32
N SER A 50 4.26 -35.45 -25.30
CA SER A 50 3.89 -35.70 -26.69
C SER A 50 3.78 -37.18 -27.06
N ARG A 51 3.33 -37.44 -28.29
CA ARG A 51 3.24 -38.78 -28.86
C ARG A 51 4.62 -39.45 -28.92
N ALA A 52 5.63 -38.68 -29.32
CA ALA A 52 7.01 -39.16 -29.44
C ALA A 52 7.59 -39.54 -28.06
N ALA A 53 7.30 -38.69 -27.06
CA ALA A 53 7.79 -38.89 -25.70
C ALA A 53 7.10 -40.03 -24.95
N LEU A 54 5.83 -40.28 -25.23
CA LEU A 54 5.06 -41.27 -24.47
C LEU A 54 4.89 -42.66 -25.10
N ALA A 55 5.25 -42.79 -26.38
CA ALA A 55 5.04 -44.06 -27.10
C ALA A 55 5.89 -45.20 -26.56
N GLY A 56 5.24 -46.27 -26.12
CA GLY A 56 5.94 -47.45 -25.58
C GLY A 56 6.09 -47.47 -24.07
N SER A 57 6.00 -46.29 -23.45
CA SER A 57 6.06 -46.16 -21.99
C SER A 57 4.78 -46.67 -21.31
N PRO A 58 4.85 -47.05 -20.01
CA PRO A 58 3.65 -47.51 -19.33
C PRO A 58 2.83 -46.39 -18.66
N VAL A 59 3.11 -45.13 -19.03
CA VAL A 59 2.38 -43.97 -18.49
C VAL A 59 0.88 -44.04 -18.76
N ARG A 60 0.10 -44.15 -17.69
CA ARG A 60 -1.37 -44.23 -17.79
C ARG A 60 -2.10 -43.00 -17.24
N PHE A 61 -1.41 -42.17 -16.45
CA PHE A 61 -1.97 -40.96 -15.85
C PHE A 61 -0.99 -39.81 -15.94
N VAL A 62 -1.48 -38.65 -16.37
CA VAL A 62 -0.69 -37.42 -16.47
C VAL A 62 -1.38 -36.30 -15.70
N GLY A 63 -0.63 -35.62 -14.83
CA GLY A 63 -1.16 -34.50 -14.05
C GLY A 63 -0.31 -33.27 -14.21
N THR A 64 -0.94 -32.10 -14.31
CA THR A 64 -0.23 -30.83 -14.41
C THR A 64 -1.01 -29.66 -13.80
N CYS A 65 -0.30 -28.73 -13.17
CA CYS A 65 -0.87 -27.44 -12.75
C CYS A 65 0.10 -26.33 -13.11
N THR A 66 -0.24 -25.59 -14.15
CA THR A 66 0.70 -24.63 -14.73
C THR A 66 -0.06 -23.65 -15.63
N ILE A 67 0.66 -23.05 -16.59
CA ILE A 67 0.08 -22.15 -17.58
C ILE A 67 -0.43 -22.95 -18.78
N GLY A 68 -1.75 -23.07 -18.89
CA GLY A 68 -2.39 -23.76 -20.02
C GLY A 68 -2.09 -25.24 -20.14
N THR A 69 -2.57 -25.86 -21.23
CA THR A 69 -2.30 -27.28 -21.51
C THR A 69 -1.67 -27.52 -22.90
N ASP A 70 -0.94 -26.51 -23.38
CA ASP A 70 -0.30 -26.57 -24.71
C ASP A 70 0.84 -27.59 -24.80
N HIS A 71 1.46 -27.89 -23.66
CA HIS A 71 2.53 -28.89 -23.55
C HIS A 71 2.00 -30.33 -23.51
N LEU A 72 0.68 -30.48 -23.35
CA LEU A 72 0.04 -31.78 -23.36
C LEU A 72 -0.51 -32.14 -24.75
N ASP A 73 -0.35 -33.40 -25.14
CA ASP A 73 -0.91 -33.92 -26.38
C ASP A 73 -2.24 -34.61 -26.05
N LEU A 74 -3.28 -33.81 -25.86
CA LEU A 74 -4.58 -34.27 -25.39
C LEU A 74 -5.31 -35.21 -26.35
N ASP A 75 -5.06 -35.04 -27.65
CA ASP A 75 -5.59 -35.94 -28.68
C ASP A 75 -5.04 -37.36 -28.49
N TYR A 76 -3.71 -37.45 -28.40
CA TYR A 76 -3.01 -38.70 -28.14
C TYR A 76 -3.45 -39.40 -26.84
N PHE A 77 -3.72 -38.63 -25.78
CA PHE A 77 -4.18 -39.21 -24.51
C PHE A 77 -5.53 -39.89 -24.70
N ALA A 78 -6.45 -39.19 -25.38
CA ALA A 78 -7.77 -39.73 -25.69
C ALA A 78 -7.67 -41.00 -26.55
N GLU A 79 -6.76 -40.99 -27.52
CA GLU A 79 -6.46 -42.15 -28.36
C GLU A 79 -5.89 -43.31 -27.53
N ALA A 80 -4.82 -43.04 -26.78
CA ALA A 80 -4.06 -44.08 -26.06
C ALA A 80 -4.68 -44.54 -24.73
N GLY A 81 -5.81 -43.94 -24.34
CA GLY A 81 -6.49 -44.30 -23.09
C GLY A 81 -5.79 -43.81 -21.84
N ILE A 82 -5.01 -42.73 -21.99
CA ILE A 82 -4.29 -42.10 -20.89
C ILE A 82 -5.18 -41.09 -20.15
N ALA A 83 -5.42 -41.36 -18.87
CA ALA A 83 -6.16 -40.45 -17.99
C ALA A 83 -5.32 -39.22 -17.66
N TRP A 84 -5.96 -38.11 -17.32
CA TRP A 84 -5.22 -36.87 -17.07
C TRP A 84 -5.97 -35.86 -16.23
N SER A 85 -5.22 -34.85 -15.78
CA SER A 85 -5.76 -33.73 -15.04
C SER A 85 -4.90 -32.50 -15.28
N SER A 86 -5.57 -31.39 -15.56
CA SER A 86 -4.91 -30.09 -15.66
C SER A 86 -5.22 -29.28 -14.40
N ALA A 87 -5.81 -29.94 -13.41
CA ALA A 87 -6.17 -29.29 -12.15
C ALA A 87 -6.75 -27.89 -12.42
N PRO A 88 -7.90 -27.82 -13.13
CA PRO A 88 -8.43 -26.52 -13.56
C PRO A 88 -8.69 -25.57 -12.39
N GLY A 89 -8.21 -24.34 -12.52
CA GLY A 89 -8.37 -23.31 -11.49
C GLY A 89 -7.39 -23.39 -10.34
N CYS A 90 -6.34 -24.20 -10.45
CA CYS A 90 -5.41 -24.41 -9.32
C CYS A 90 -4.74 -23.12 -8.87
N ASN A 91 -4.45 -22.25 -9.83
CA ASN A 91 -3.76 -20.98 -9.62
C ASN A 91 -4.64 -19.76 -9.96
N ALA A 92 -5.94 -19.99 -10.11
CA ALA A 92 -6.88 -18.96 -10.57
C ALA A 92 -7.07 -17.79 -9.59
N ARG A 93 -7.27 -18.08 -8.31
CA ARG A 93 -7.64 -17.05 -7.31
C ARG A 93 -6.56 -16.00 -7.06
N GLY A 94 -5.29 -16.40 -7.13
CA GLY A 94 -4.18 -15.45 -7.03
C GLY A 94 -4.28 -14.34 -8.07
N VAL A 95 -4.73 -14.69 -9.28
CA VAL A 95 -4.92 -13.74 -10.39
C VAL A 95 -6.04 -12.75 -10.09
N VAL A 96 -7.13 -13.26 -9.52
CA VAL A 96 -8.25 -12.43 -9.05
C VAL A 96 -7.74 -11.36 -8.05
N ASP A 97 -7.03 -11.78 -7.00
CA ASP A 97 -6.41 -10.90 -6.00
C ASP A 97 -5.49 -9.87 -6.65
N TYR A 98 -4.77 -10.32 -7.68
CA TYR A 98 -3.88 -9.46 -8.47
C TYR A 98 -4.68 -8.37 -9.18
N VAL A 99 -5.78 -8.74 -9.86
CA VAL A 99 -6.61 -7.78 -10.59
C VAL A 99 -7.18 -6.74 -9.63
N LEU A 100 -7.69 -7.20 -8.49
CA LEU A 100 -8.27 -6.34 -7.46
C LEU A 100 -7.24 -5.31 -7.01
N GLY A 101 -6.02 -5.76 -6.73
CA GLY A 101 -4.92 -4.90 -6.37
C GLY A 101 -4.57 -3.87 -7.43
N CYS A 102 -4.65 -4.28 -8.71
CA CYS A 102 -4.47 -3.35 -9.84
C CYS A 102 -5.56 -2.27 -9.89
N LEU A 103 -6.82 -2.68 -9.75
CA LEU A 103 -7.95 -1.74 -9.70
C LEU A 103 -7.81 -0.74 -8.57
N LEU A 104 -7.33 -1.20 -7.42
CA LEU A 104 -7.10 -0.32 -6.27
C LEU A 104 -5.99 0.70 -6.58
N ALA A 105 -4.90 0.23 -7.18
CA ALA A 105 -3.79 1.10 -7.61
C ALA A 105 -4.28 2.12 -8.62
N MET A 106 -5.02 1.62 -9.62
CA MET A 106 -5.57 2.46 -10.70
C MET A 106 -6.57 3.52 -10.22
N ALA A 107 -7.49 3.12 -9.34
CA ALA A 107 -8.42 4.08 -8.70
C ALA A 107 -7.69 5.16 -7.92
N GLU A 108 -6.65 4.76 -7.21
CA GLU A 108 -5.88 5.68 -6.38
C GLU A 108 -5.15 6.74 -7.21
N VAL A 109 -4.45 6.33 -8.26
CA VAL A 109 -3.78 7.27 -9.16
C VAL A 109 -4.80 8.22 -9.85
N ARG A 110 -5.92 7.67 -10.31
CA ARG A 110 -6.89 8.45 -11.05
C ARG A 110 -7.91 9.19 -10.17
N GLY A 111 -7.93 8.86 -8.88
CA GLY A 111 -8.91 9.44 -7.95
C GLY A 111 -10.32 8.97 -8.30
N ALA A 112 -10.44 7.72 -8.75
CA ALA A 112 -11.72 7.20 -9.22
C ALA A 112 -12.47 6.44 -8.15
N ASP A 113 -13.79 6.45 -8.25
CA ASP A 113 -14.65 5.59 -7.47
C ASP A 113 -14.83 4.26 -8.26
N LEU A 114 -14.29 3.18 -7.69
CA LEU A 114 -14.44 1.81 -8.27
C LEU A 114 -15.89 1.40 -8.54
N ALA A 115 -16.80 1.88 -7.69
CA ALA A 115 -18.22 1.56 -7.80
C ALA A 115 -18.92 2.22 -8.99
N GLU A 116 -18.24 3.17 -9.65
CA GLU A 116 -18.78 3.96 -10.76
C GLU A 116 -18.28 3.50 -12.13
N ARG A 117 -17.28 2.63 -12.11
CA ARG A 117 -16.73 2.05 -13.33
C ARG A 117 -17.68 1.06 -13.99
N THR A 118 -17.47 0.80 -15.27
CA THR A 118 -18.13 -0.30 -15.95
C THR A 118 -17.07 -1.31 -16.32
N TYR A 119 -17.21 -2.50 -15.77
CA TYR A 119 -16.22 -3.57 -15.92
C TYR A 119 -16.55 -4.47 -17.09
N GLY A 120 -15.56 -4.72 -17.94
CA GLY A 120 -15.70 -5.70 -19.02
C GLY A 120 -14.74 -6.85 -18.76
N VAL A 121 -15.28 -8.04 -18.57
CA VAL A 121 -14.47 -9.25 -18.46
C VAL A 121 -14.53 -10.05 -19.77
N VAL A 122 -13.39 -10.14 -20.45
CA VAL A 122 -13.24 -10.88 -21.71
C VAL A 122 -12.69 -12.26 -21.39
N GLY A 123 -13.53 -13.28 -21.45
CA GLY A 123 -13.14 -14.61 -21.00
C GLY A 123 -13.51 -14.84 -19.55
N ALA A 124 -14.50 -15.71 -19.33
CA ALA A 124 -15.07 -15.93 -18.00
C ALA A 124 -14.98 -17.40 -17.59
N GLY A 125 -13.75 -17.92 -17.59
CA GLY A 125 -13.48 -19.30 -17.18
C GLY A 125 -13.09 -19.37 -15.72
N GLN A 126 -12.03 -20.12 -15.42
CA GLN A 126 -11.59 -20.30 -14.05
C GLN A 126 -11.24 -18.97 -13.37
N VAL A 127 -10.49 -18.13 -14.05
CA VAL A 127 -10.10 -16.82 -13.54
C VAL A 127 -11.21 -15.76 -13.72
N GLY A 128 -11.63 -15.56 -14.98
CA GLY A 128 -12.61 -14.53 -15.33
C GLY A 128 -13.94 -14.73 -14.62
N GLY A 129 -14.39 -15.98 -14.52
CA GLY A 129 -15.64 -16.31 -13.83
C GLY A 129 -15.58 -15.98 -12.35
N ARG A 130 -14.43 -16.24 -11.73
CA ARG A 130 -14.21 -15.85 -10.33
C ARG A 130 -14.22 -14.33 -10.14
N LEU A 131 -13.57 -13.62 -11.05
CA LEU A 131 -13.53 -12.15 -11.05
C LEU A 131 -14.95 -11.58 -11.14
N VAL A 132 -15.72 -12.08 -12.10
CA VAL A 132 -17.08 -11.63 -12.35
C VAL A 132 -17.93 -11.71 -11.08
N GLU A 133 -17.85 -12.85 -10.42
CA GLU A 133 -18.54 -13.15 -9.16
C GLU A 133 -18.18 -12.14 -8.05
N VAL A 134 -16.90 -11.78 -7.93
CA VAL A 134 -16.46 -10.73 -7.00
C VAL A 134 -17.09 -9.38 -7.36
N LEU A 135 -16.93 -8.98 -8.63
CA LEU A 135 -17.45 -7.69 -9.09
C LEU A 135 -18.96 -7.58 -8.93
N ARG A 136 -19.70 -8.62 -9.31
CA ARG A 136 -21.15 -8.64 -9.11
C ARG A 136 -21.52 -8.62 -7.64
N GLY A 137 -20.76 -9.34 -6.82
CA GLY A 137 -21.03 -9.47 -5.40
C GLY A 137 -20.92 -8.12 -4.69
N LEU A 138 -20.09 -7.24 -5.25
CA LEU A 138 -19.90 -5.88 -4.74
C LEU A 138 -20.98 -4.92 -5.26
N GLY A 139 -21.81 -5.38 -6.18
CA GLY A 139 -22.89 -4.58 -6.77
C GLY A 139 -22.47 -3.69 -7.92
N TRP A 140 -21.30 -3.96 -8.51
CA TRP A 140 -20.76 -3.13 -9.59
C TRP A 140 -21.23 -3.59 -10.97
N LYS A 141 -21.23 -2.65 -11.91
CA LYS A 141 -21.65 -2.91 -13.30
C LYS A 141 -20.62 -3.74 -14.06
N VAL A 142 -21.09 -4.88 -14.58
CA VAL A 142 -20.20 -5.85 -15.25
C VAL A 142 -20.77 -6.34 -16.59
N LEU A 143 -19.89 -6.33 -17.60
CA LEU A 143 -20.14 -6.91 -18.91
C LEU A 143 -19.23 -8.12 -19.12
N VAL A 144 -19.81 -9.22 -19.56
CA VAL A 144 -19.05 -10.46 -19.77
C VAL A 144 -19.01 -10.82 -21.26
N CYS A 145 -17.80 -10.94 -21.81
CA CYS A 145 -17.61 -11.45 -23.17
C CYS A 145 -16.95 -12.84 -23.13
N ASP A 146 -17.68 -13.84 -23.64
CA ASP A 146 -17.18 -15.21 -23.67
C ASP A 146 -18.00 -15.99 -24.70
N PRO A 147 -17.64 -15.84 -26.00
CA PRO A 147 -18.44 -16.45 -27.07
C PRO A 147 -18.62 -17.97 -26.99
N PRO A 148 -17.52 -18.74 -26.70
CA PRO A 148 -17.71 -20.17 -26.44
C PRO A 148 -18.71 -20.50 -25.33
N ARG A 149 -18.62 -19.81 -24.20
CA ARG A 149 -19.59 -20.00 -23.10
C ARG A 149 -20.99 -19.54 -23.45
N GLN A 150 -21.10 -18.45 -24.19
CA GLN A 150 -22.40 -17.90 -24.57
C GLN A 150 -23.14 -18.86 -25.52
N ALA A 151 -22.42 -19.43 -26.47
CA ALA A 151 -23.00 -20.36 -27.45
C ALA A 151 -23.51 -21.61 -26.75
N ARG A 152 -22.79 -22.07 -25.73
CA ARG A 152 -23.20 -23.22 -24.92
C ARG A 152 -24.22 -22.89 -23.82
N GLU A 153 -24.22 -21.65 -23.35
CA GLU A 153 -25.11 -21.22 -22.26
C GLU A 153 -25.95 -20.04 -22.75
N PRO A 154 -26.86 -20.28 -23.71
CA PRO A 154 -27.47 -19.16 -24.43
C PRO A 154 -28.39 -18.28 -23.59
N ASP A 155 -28.95 -18.82 -22.50
CA ASP A 155 -29.76 -18.04 -21.56
C ASP A 155 -28.94 -17.19 -20.58
N GLY A 156 -27.61 -17.25 -20.70
CA GLY A 156 -26.74 -16.42 -19.90
C GLY A 156 -26.75 -14.94 -20.29
N GLU A 157 -26.06 -14.13 -19.50
CA GLU A 157 -25.92 -12.73 -19.80
C GLU A 157 -24.54 -12.48 -20.37
N PHE A 158 -24.47 -12.48 -21.70
CA PHE A 158 -23.23 -12.24 -22.40
C PHE A 158 -23.40 -11.11 -23.39
N VAL A 159 -22.27 -10.62 -23.88
CA VAL A 159 -22.24 -9.53 -24.83
C VAL A 159 -21.09 -9.76 -25.81
N SER A 160 -21.21 -9.16 -27.00
CA SER A 160 -20.13 -9.16 -27.99
C SER A 160 -18.94 -8.32 -27.49
N LEU A 161 -17.77 -8.60 -28.06
CA LEU A 161 -16.55 -7.85 -27.75
C LEU A 161 -16.73 -6.39 -28.13
N GLU A 162 -17.25 -6.17 -29.33
CA GLU A 162 -17.48 -4.82 -29.86
C GLU A 162 -18.25 -3.96 -28.88
N ARG A 163 -19.34 -4.49 -28.33
CA ARG A 163 -20.16 -3.75 -27.39
C ARG A 163 -19.51 -3.60 -26.02
N LEU A 164 -18.90 -4.67 -25.53
CA LEU A 164 -18.15 -4.59 -24.29
C LEU A 164 -17.10 -3.47 -24.38
N LEU A 165 -16.35 -3.47 -25.49
CA LEU A 165 -15.30 -2.49 -25.70
C LEU A 165 -15.82 -1.07 -25.83
N ALA A 166 -17.06 -0.92 -26.29
CA ALA A 166 -17.69 0.39 -26.37
C ALA A 166 -18.26 0.86 -25.02
N GLU A 167 -18.72 -0.07 -24.19
CA GLU A 167 -19.39 0.31 -22.94
C GLU A 167 -18.47 0.32 -21.72
N ALA A 168 -17.50 -0.60 -21.69
CA ALA A 168 -16.64 -0.76 -20.52
C ALA A 168 -15.55 0.30 -20.46
N ASP A 169 -15.23 0.75 -19.25
CA ASP A 169 -14.07 1.62 -19.06
C ASP A 169 -13.02 0.96 -18.18
N VAL A 170 -13.27 -0.28 -17.79
CA VAL A 170 -12.26 -1.13 -17.17
C VAL A 170 -12.32 -2.49 -17.84
N ILE A 171 -11.23 -2.88 -18.50
CA ILE A 171 -11.19 -4.14 -19.23
C ILE A 171 -10.17 -5.08 -18.59
N SER A 172 -10.61 -6.30 -18.28
CA SER A 172 -9.66 -7.32 -17.82
C SER A 172 -9.78 -8.55 -18.69
N LEU A 173 -8.62 -9.08 -19.11
CA LEU A 173 -8.56 -10.13 -20.11
C LEU A 173 -8.16 -11.45 -19.50
N HIS A 174 -8.98 -12.47 -19.76
CA HIS A 174 -8.77 -13.77 -19.17
C HIS A 174 -9.07 -14.90 -20.17
N THR A 175 -8.70 -14.69 -21.44
CA THR A 175 -8.82 -15.73 -22.48
C THR A 175 -7.54 -16.57 -22.60
N PRO A 176 -7.63 -17.77 -23.22
CA PRO A 176 -6.40 -18.44 -23.63
C PRO A 176 -5.76 -17.72 -24.83
N LEU A 177 -4.59 -18.19 -25.27
CA LEU A 177 -3.96 -17.65 -26.48
C LEU A 177 -4.22 -18.65 -27.60
N ASN A 178 -5.12 -18.28 -28.51
CA ASN A 178 -5.50 -19.14 -29.62
C ASN A 178 -5.27 -18.44 -30.95
N ARG A 179 -4.46 -19.06 -31.80
CA ARG A 179 -4.08 -18.46 -33.08
C ARG A 179 -5.20 -18.67 -34.08
N ASP A 180 -5.86 -19.82 -33.99
CA ASP A 180 -6.89 -20.24 -34.95
C ASP A 180 -8.22 -20.55 -34.28
N GLY A 181 -9.24 -20.81 -35.10
CA GLY A 181 -10.57 -21.16 -34.62
C GLY A 181 -11.56 -20.10 -35.01
N GLU A 182 -12.76 -20.18 -34.42
CA GLU A 182 -13.81 -19.19 -34.63
C GLU A 182 -13.56 -17.94 -33.80
N HIS A 183 -12.84 -18.10 -32.69
CA HIS A 183 -12.61 -16.99 -31.76
C HIS A 183 -11.14 -16.92 -31.37
N PRO A 184 -10.25 -16.66 -32.36
CA PRO A 184 -8.82 -16.57 -32.07
C PRO A 184 -8.53 -15.33 -31.21
N THR A 185 -7.52 -15.41 -30.37
CA THR A 185 -7.26 -14.33 -29.41
C THR A 185 -5.92 -13.63 -29.53
N ARG A 186 -5.12 -14.01 -30.54
CA ARG A 186 -3.86 -13.33 -30.78
C ARG A 186 -4.16 -11.91 -31.26
N HIS A 187 -3.61 -10.94 -30.54
CA HIS A 187 -3.87 -9.53 -30.79
C HIS A 187 -5.37 -9.24 -30.82
N LEU A 188 -6.11 -9.88 -29.92
CA LEU A 188 -7.52 -9.57 -29.69
C LEU A 188 -7.65 -8.09 -29.41
N LEU A 189 -6.70 -7.54 -28.67
CA LEU A 189 -6.57 -6.10 -28.58
C LEU A 189 -5.45 -5.63 -29.50
N ASP A 190 -5.86 -5.07 -30.65
CA ASP A 190 -4.96 -4.65 -31.72
C ASP A 190 -4.99 -3.14 -31.83
N GLU A 191 -4.24 -2.58 -32.76
CA GLU A 191 -4.17 -1.12 -32.93
C GLU A 191 -5.54 -0.42 -32.98
N PRO A 192 -6.46 -0.86 -33.89
CA PRO A 192 -7.74 -0.12 -33.97
C PRO A 192 -8.62 -0.22 -32.72
N ARG A 193 -8.63 -1.38 -32.06
CA ARG A 193 -9.41 -1.55 -30.83
C ARG A 193 -8.83 -0.78 -29.67
N LEU A 194 -7.51 -0.88 -29.49
CA LEU A 194 -6.79 -0.11 -28.48
C LEU A 194 -6.99 1.40 -28.69
N ALA A 195 -6.92 1.84 -29.94
CA ALA A 195 -7.12 3.25 -30.29
C ALA A 195 -8.53 3.76 -30.02
N ALA A 196 -9.53 2.88 -30.13
CA ALA A 196 -10.93 3.27 -29.92
C ALA A 196 -11.40 3.15 -28.46
N LEU A 197 -10.48 2.84 -27.55
CA LEU A 197 -10.81 2.77 -26.13
C LEU A 197 -11.17 4.15 -25.58
N ARG A 198 -12.31 4.24 -24.89
CA ARG A 198 -12.76 5.49 -24.31
C ARG A 198 -11.65 6.07 -23.45
N PRO A 199 -11.41 7.39 -23.55
CA PRO A 199 -10.30 7.99 -22.78
C PRO A 199 -10.49 7.76 -21.28
N GLY A 200 -9.39 7.47 -20.58
CA GLY A 200 -9.44 7.14 -19.17
C GLY A 200 -9.79 5.69 -18.87
N THR A 201 -9.76 4.84 -19.90
CA THR A 201 -10.05 3.41 -19.74
C THR A 201 -8.86 2.71 -19.07
N TRP A 202 -9.16 1.71 -18.24
CA TRP A 202 -8.12 0.88 -17.64
C TRP A 202 -8.11 -0.46 -18.32
N LEU A 203 -6.90 -0.93 -18.63
CA LEU A 203 -6.73 -2.22 -19.23
C LEU A 203 -5.85 -3.07 -18.34
N VAL A 204 -6.30 -4.28 -18.03
CA VAL A 204 -5.51 -5.23 -17.28
C VAL A 204 -5.33 -6.46 -18.17
N ASN A 205 -4.08 -6.86 -18.38
CA ASN A 205 -3.79 -8.16 -19.00
C ASN A 205 -2.91 -9.03 -18.14
N ALA A 206 -3.54 -10.02 -17.51
CA ALA A 206 -2.84 -11.09 -16.82
C ALA A 206 -3.25 -12.46 -17.41
N SER A 207 -3.63 -12.47 -18.69
CA SER A 207 -3.89 -13.75 -19.40
C SER A 207 -2.63 -14.29 -20.07
N ARG A 208 -2.43 -13.98 -21.35
CA ARG A 208 -1.18 -14.32 -22.05
C ARG A 208 -0.67 -13.09 -22.80
N GLY A 209 0.64 -13.06 -23.05
CA GLY A 209 1.28 -11.89 -23.64
C GLY A 209 0.63 -11.40 -24.90
N ALA A 210 0.48 -12.30 -25.87
CA ALA A 210 0.16 -11.93 -27.28
C ALA A 210 -1.33 -11.67 -27.53
N VAL A 211 -2.14 -11.71 -26.47
CA VAL A 211 -3.54 -11.31 -26.55
C VAL A 211 -3.64 -9.81 -26.80
N VAL A 212 -2.68 -9.05 -26.27
CA VAL A 212 -2.57 -7.62 -26.56
C VAL A 212 -1.38 -7.38 -27.50
N ASP A 213 -1.59 -6.53 -28.51
CA ASP A 213 -0.51 -6.06 -29.37
C ASP A 213 0.37 -5.10 -28.59
N ASN A 214 1.50 -5.60 -28.10
CA ASN A 214 2.37 -4.81 -27.20
C ASN A 214 2.98 -3.58 -27.84
N GLN A 215 3.49 -3.75 -29.07
CA GLN A 215 4.04 -2.64 -29.84
C GLN A 215 3.03 -1.55 -30.14
N ALA A 216 1.83 -1.93 -30.58
CA ALA A 216 0.74 -0.97 -30.83
C ALA A 216 0.31 -0.26 -29.55
N LEU A 217 0.23 -1.02 -28.45
CA LEU A 217 -0.07 -0.43 -27.14
C LEU A 217 0.99 0.62 -26.78
N ARG A 218 2.27 0.23 -26.87
CA ARG A 218 3.38 1.13 -26.54
C ARG A 218 3.36 2.44 -27.34
N ARG A 219 3.10 2.35 -28.64
CA ARG A 219 3.03 3.53 -29.51
C ARG A 219 1.86 4.44 -29.16
N LEU A 220 0.73 3.84 -28.81
CA LEU A 220 -0.44 4.61 -28.37
C LEU A 220 -0.16 5.37 -27.08
N LEU A 221 0.46 4.69 -26.11
CA LEU A 221 0.80 5.30 -24.82
C LEU A 221 1.86 6.40 -24.98
N GLU A 222 2.83 6.17 -25.87
CA GLU A 222 3.79 7.21 -26.26
C GLU A 222 3.13 8.38 -26.98
N GLY A 223 2.12 8.08 -27.78
CA GLY A 223 1.36 9.11 -28.50
C GLY A 223 0.42 9.93 -27.64
N GLY A 224 0.39 9.64 -26.33
CA GLY A 224 -0.40 10.41 -25.38
C GLY A 224 -1.77 9.86 -25.06
N ALA A 225 -2.04 8.61 -25.47
CA ALA A 225 -3.32 7.95 -25.17
C ALA A 225 -3.70 8.00 -23.69
N ASP A 226 -4.94 8.41 -23.42
CA ASP A 226 -5.46 8.49 -22.05
C ASP A 226 -5.92 7.11 -21.59
N LEU A 227 -5.02 6.40 -20.92
CA LEU A 227 -5.21 5.01 -20.50
C LEU A 227 -4.39 4.67 -19.28
N GLU A 228 -4.92 3.80 -18.40
CA GLU A 228 -4.10 3.12 -17.41
C GLU A 228 -3.95 1.66 -17.81
N VAL A 229 -2.76 1.11 -17.58
CA VAL A 229 -2.44 -0.23 -18.03
C VAL A 229 -1.73 -1.00 -16.92
N ALA A 230 -2.16 -2.23 -16.72
CA ALA A 230 -1.51 -3.14 -15.79
C ALA A 230 -1.20 -4.41 -16.55
N LEU A 231 0.08 -4.74 -16.67
CA LEU A 231 0.49 -5.94 -17.42
C LEU A 231 1.27 -6.90 -16.54
N ASP A 232 0.86 -8.16 -16.57
CA ASP A 232 1.58 -9.22 -15.88
C ASP A 232 2.15 -10.17 -16.94
N VAL A 233 1.67 -9.98 -18.18
CA VAL A 233 2.01 -10.86 -19.29
C VAL A 233 2.41 -10.04 -20.53
N TRP A 234 3.45 -10.52 -21.19
CA TRP A 234 4.20 -9.73 -22.18
C TRP A 234 4.46 -10.57 -23.43
N GLU A 235 4.40 -9.95 -24.60
CA GLU A 235 4.94 -10.57 -25.81
C GLU A 235 6.45 -10.56 -25.65
N GLY A 236 7.07 -11.69 -25.94
CA GLY A 236 8.52 -11.81 -25.86
C GLY A 236 9.08 -12.23 -24.51
N GLU A 237 8.22 -12.68 -23.59
CA GLU A 237 8.69 -13.12 -22.25
C GLU A 237 9.82 -14.14 -22.40
N PRO A 238 10.87 -14.07 -21.54
CA PRO A 238 11.17 -13.16 -20.43
C PRO A 238 11.70 -11.77 -20.82
N GLN A 239 11.61 -11.44 -22.11
CA GLN A 239 12.08 -10.16 -22.61
C GLN A 239 10.94 -9.15 -22.71
N ALA A 240 10.53 -8.60 -21.57
CA ALA A 240 9.48 -7.61 -21.54
C ALA A 240 9.97 -6.35 -22.26
N ASP A 241 9.08 -5.72 -23.02
CA ASP A 241 9.39 -4.44 -23.66
C ASP A 241 9.47 -3.36 -22.58
N PRO A 242 10.70 -2.86 -22.29
CA PRO A 242 10.91 -1.95 -21.16
C PRO A 242 10.32 -0.55 -21.37
N GLU A 243 10.21 -0.14 -22.63
CA GLU A 243 9.58 1.13 -22.96
C GLU A 243 8.06 1.05 -22.77
N LEU A 244 7.50 -0.13 -23.02
CA LEU A 244 6.10 -0.40 -22.71
C LEU A 244 5.87 -0.39 -21.19
N ALA A 245 6.67 -1.20 -20.48
CA ALA A 245 6.62 -1.34 -19.03
C ALA A 245 6.67 0.00 -18.30
N ALA A 246 7.57 0.89 -18.76
CA ALA A 246 7.68 2.25 -18.22
C ALA A 246 6.40 3.07 -18.31
N ARG A 247 5.53 2.73 -19.25
CA ARG A 247 4.27 3.43 -19.44
C ARG A 247 3.08 2.70 -18.76
N CYS A 248 3.34 1.54 -18.17
CA CYS A 248 2.32 0.78 -17.44
C CYS A 248 2.31 1.19 -15.97
N LEU A 249 1.11 1.44 -15.43
CA LEU A 249 0.94 1.73 -14.02
C LEU A 249 1.43 0.53 -13.21
N ILE A 250 1.08 -0.67 -13.65
CA ILE A 250 1.54 -1.89 -12.99
C ILE A 250 2.23 -2.79 -14.01
N ALA A 251 3.39 -3.30 -13.64
CA ALA A 251 4.15 -4.16 -14.53
C ALA A 251 4.81 -5.24 -13.69
N THR A 252 4.52 -6.50 -14.01
CA THR A 252 5.03 -7.62 -13.21
C THR A 252 5.45 -8.80 -14.09
N PRO A 253 6.36 -9.66 -13.58
CA PRO A 253 6.88 -10.79 -14.37
C PRO A 253 6.02 -12.03 -14.42
N HIS A 254 4.80 -11.93 -14.92
CA HIS A 254 3.94 -13.12 -15.06
C HIS A 254 3.80 -13.90 -13.73
N ILE A 255 3.42 -13.21 -12.66
CA ILE A 255 3.34 -13.85 -11.34
C ILE A 255 1.96 -13.72 -10.69
N ALA A 256 0.97 -13.23 -11.44
CA ALA A 256 -0.38 -12.97 -10.90
C ALA A 256 -0.92 -14.20 -10.17
N GLY A 257 -0.70 -15.37 -10.77
CA GLY A 257 -1.20 -16.61 -10.20
C GLY A 257 -0.23 -17.35 -9.29
N TYR A 258 0.76 -16.64 -8.76
CA TYR A 258 1.82 -17.24 -7.95
C TYR A 258 1.59 -17.20 -6.44
N SER A 259 0.34 -17.31 -6.02
CA SER A 259 0.04 -17.42 -4.60
C SER A 259 0.54 -18.77 -4.10
N LEU A 260 0.94 -18.79 -2.84
CA LEU A 260 1.45 -19.98 -2.19
C LEU A 260 0.45 -21.14 -2.25
N GLU A 261 -0.83 -20.86 -2.03
CA GLU A 261 -1.80 -21.95 -2.05
C GLU A 261 -2.09 -22.53 -3.42
N GLY A 262 -1.90 -21.76 -4.49
CA GLY A 262 -2.03 -22.25 -5.87
C GLY A 262 -1.13 -23.45 -6.19
N LYS A 263 0.12 -23.37 -5.74
CA LYS A 263 1.13 -24.41 -5.94
C LYS A 263 0.75 -25.69 -5.20
N LEU A 264 0.20 -25.53 -3.99
CA LEU A 264 -0.28 -26.66 -3.19
C LEU A 264 -1.54 -27.28 -3.79
N ARG A 265 -2.51 -26.44 -4.15
CA ARG A 265 -3.75 -26.86 -4.80
C ARG A 265 -3.51 -27.64 -6.08
N GLY A 266 -2.49 -27.28 -6.84
CA GLY A 266 -2.13 -28.02 -8.04
C GLY A 266 -1.93 -29.51 -7.77
N THR A 267 -1.04 -29.80 -6.83
CA THR A 267 -0.78 -31.19 -6.46
C THR A 267 -2.01 -31.83 -5.84
N ALA A 268 -2.69 -31.09 -4.97
CA ALA A 268 -3.89 -31.60 -4.29
C ALA A 268 -5.01 -31.94 -5.26
N GLN A 269 -5.23 -31.11 -6.28
CA GLN A 269 -6.27 -31.40 -7.29
C GLN A 269 -5.91 -32.61 -8.15
N ILE A 270 -4.66 -32.68 -8.58
CA ILE A 270 -4.13 -33.82 -9.34
C ILE A 270 -4.34 -35.14 -8.59
N TYR A 271 -4.05 -35.13 -7.30
CA TYR A 271 -4.32 -36.27 -6.43
C TYR A 271 -5.81 -36.64 -6.41
N GLN A 272 -6.69 -35.65 -6.30
CA GLN A 272 -8.13 -35.91 -6.30
C GLN A 272 -8.59 -36.57 -7.61
N ALA A 273 -8.05 -36.08 -8.72
CA ALA A 273 -8.28 -36.67 -10.04
C ALA A 273 -7.70 -38.08 -10.14
N TYR A 274 -6.51 -38.28 -9.58
CA TYR A 274 -5.83 -39.58 -9.57
C TYR A 274 -6.63 -40.62 -8.79
N CYS A 275 -7.21 -40.20 -7.67
CA CYS A 275 -8.06 -41.05 -6.85
C CYS A 275 -9.35 -41.47 -7.56
N ALA A 276 -9.91 -40.56 -8.37
CA ALA A 276 -11.10 -40.87 -9.15
C ALA A 276 -10.78 -41.88 -10.24
N TRP A 277 -9.66 -41.67 -10.93
CA TRP A 277 -9.18 -42.55 -11.99
C TRP A 277 -8.90 -43.97 -11.48
N ARG A 278 -8.29 -44.06 -10.30
CA ARG A 278 -8.04 -45.34 -9.66
C ARG A 278 -9.25 -45.87 -8.93
N GLY A 279 -10.27 -45.03 -8.79
CA GLY A 279 -11.49 -45.41 -8.08
C GLY A 279 -11.23 -45.75 -6.63
N ILE A 280 -10.50 -44.87 -5.94
CA ILE A 280 -10.24 -45.01 -4.51
C ILE A 280 -10.69 -43.77 -3.76
N ALA A 281 -10.91 -43.89 -2.46
CA ALA A 281 -11.31 -42.74 -1.64
C ALA A 281 -10.15 -41.78 -1.40
N GLU A 282 -10.46 -40.49 -1.29
CA GLU A 282 -9.46 -39.47 -1.02
C GLU A 282 -9.04 -39.55 0.44
N ARG A 283 -7.73 -39.59 0.67
CA ARG A 283 -7.19 -39.72 2.02
C ARG A 283 -6.55 -38.41 2.49
N VAL A 284 -5.64 -37.90 1.66
CA VAL A 284 -4.92 -36.66 1.91
C VAL A 284 -5.71 -35.48 1.30
N SER A 285 -5.64 -34.32 1.95
CA SER A 285 -6.25 -33.09 1.43
C SER A 285 -5.33 -31.88 1.55
N LEU A 286 -5.71 -30.79 0.89
CA LEU A 286 -4.97 -29.53 0.92
C LEU A 286 -4.70 -29.01 2.35
N GLN A 287 -5.67 -29.21 3.25
CA GLN A 287 -5.55 -28.81 4.65
C GLN A 287 -4.37 -29.46 5.37
N ASP A 288 -4.00 -30.67 4.94
CA ASP A 288 -2.90 -31.40 5.54
C ASP A 288 -1.53 -30.76 5.30
N VAL A 289 -1.41 -30.00 4.21
CA VAL A 289 -0.14 -29.37 3.82
C VAL A 289 -0.15 -27.82 3.80
N LEU A 290 -1.32 -27.24 4.04
CA LEU A 290 -1.48 -25.79 4.00
C LEU A 290 -0.93 -25.11 5.26
N PRO A 291 0.02 -24.18 5.11
CA PRO A 291 0.53 -23.51 6.30
C PRO A 291 -0.49 -22.51 6.83
N GLU A 292 -0.41 -22.22 8.13
CA GLU A 292 -1.19 -21.15 8.73
C GLU A 292 -0.87 -19.82 8.06
N THR A 293 -1.86 -18.96 7.95
CA THR A 293 -1.65 -17.59 7.45
C THR A 293 -0.78 -16.77 8.41
N TRP A 294 -0.09 -15.77 7.88
CA TRP A 294 0.66 -14.83 8.73
C TRP A 294 -0.29 -13.81 9.35
N LEU A 295 -1.16 -13.27 8.51
CA LEU A 295 -2.25 -12.41 8.94
C LEU A 295 -3.51 -13.28 9.11
N ALA A 296 -3.88 -13.55 10.35
CA ALA A 296 -5.12 -14.30 10.63
C ALA A 296 -6.35 -13.55 10.15
N GLY A 297 -6.44 -12.27 10.49
CA GLY A 297 -7.66 -11.51 10.21
C GLY A 297 -7.59 -10.05 10.61
N LEU A 298 -8.64 -9.31 10.21
CA LEU A 298 -8.81 -7.89 10.53
C LEU A 298 -10.18 -7.70 11.21
N GLN A 299 -10.25 -6.72 12.11
CA GLN A 299 -11.52 -6.36 12.76
C GLN A 299 -11.94 -4.95 12.38
N LEU A 300 -13.06 -4.85 11.69
CA LEU A 300 -13.60 -3.56 11.27
C LEU A 300 -14.71 -3.15 12.25
N ASN A 301 -14.77 -1.85 12.56
CA ASN A 301 -15.90 -1.31 13.32
C ASN A 301 -17.07 -1.00 12.39
N PRO A 302 -18.33 -1.17 12.87
CA PRO A 302 -19.54 -1.01 12.05
C PRO A 302 -19.57 0.25 11.19
N GLY A 303 -18.94 1.31 11.67
CA GLY A 303 -18.95 2.58 10.96
C GLY A 303 -17.91 2.75 9.86
N CYS A 304 -17.12 1.69 9.61
CA CYS A 304 -16.07 1.72 8.57
C CYS A 304 -16.62 2.06 7.20
N ASP A 305 -15.95 2.96 6.48
CA ASP A 305 -16.28 3.23 5.09
C ASP A 305 -16.08 1.93 4.30
N PRO A 306 -17.14 1.45 3.62
CA PRO A 306 -17.06 0.22 2.83
C PRO A 306 -15.91 0.23 1.80
N ALA A 307 -15.77 1.33 1.06
CA ALA A 307 -14.75 1.47 0.03
C ALA A 307 -13.34 1.43 0.62
N TRP A 308 -13.18 2.03 1.80
CA TRP A 308 -11.92 1.98 2.53
C TRP A 308 -11.62 0.55 3.00
N ALA A 309 -12.65 -0.14 3.48
CA ALA A 309 -12.54 -1.53 3.95
C ALA A 309 -12.08 -2.45 2.82
N LEU A 310 -12.69 -2.32 1.65
CA LEU A 310 -12.32 -3.12 0.48
C LEU A 310 -10.83 -2.97 0.16
N ALA A 311 -10.35 -1.73 0.10
CA ALA A 311 -8.95 -1.40 -0.21
C ALA A 311 -8.01 -1.94 0.85
N THR A 312 -8.37 -1.75 2.12
CA THR A 312 -7.57 -2.20 3.26
C THR A 312 -7.47 -3.72 3.33
N LEU A 313 -8.60 -4.41 3.20
CA LEU A 313 -8.64 -5.87 3.22
C LEU A 313 -7.79 -6.49 2.11
N CYS A 314 -7.95 -5.99 0.88
CA CYS A 314 -7.26 -6.59 -0.26
C CYS A 314 -5.77 -6.44 -0.09
N ARG A 315 -5.34 -5.18 0.12
CA ARG A 315 -3.95 -4.82 0.27
C ARG A 315 -3.25 -5.46 1.47
N ALA A 316 -3.98 -5.65 2.58
CA ALA A 316 -3.43 -6.34 3.76
C ALA A 316 -2.90 -7.72 3.40
N VAL A 317 -3.53 -8.35 2.42
CA VAL A 317 -3.09 -9.66 1.95
C VAL A 317 -2.05 -9.54 0.84
N TYR A 318 -2.36 -8.74 -0.18
CA TYR A 318 -1.52 -8.64 -1.37
C TYR A 318 -1.75 -7.33 -2.10
N ASP A 319 -0.70 -6.55 -2.24
CA ASP A 319 -0.66 -5.40 -3.14
C ASP A 319 0.39 -5.66 -4.23
N PRO A 320 -0.03 -5.74 -5.51
CA PRO A 320 0.90 -5.96 -6.63
C PRO A 320 1.87 -4.79 -6.92
N ARG A 321 1.67 -3.64 -6.28
CA ARG A 321 2.65 -2.57 -6.31
C ARG A 321 4.03 -3.01 -5.80
N SER A 322 4.05 -3.93 -4.83
CA SER A 322 5.31 -4.51 -4.31
C SER A 322 6.06 -5.33 -5.36
N ASP A 323 5.32 -6.07 -6.18
CA ASP A 323 5.91 -6.90 -7.22
C ASP A 323 6.35 -6.00 -8.39
N ASP A 324 5.57 -4.96 -8.66
CA ASP A 324 5.90 -3.92 -9.62
C ASP A 324 7.23 -3.25 -9.29
N ALA A 325 7.46 -2.95 -8.01
CA ALA A 325 8.72 -2.35 -7.57
C ALA A 325 9.93 -3.26 -7.86
N ALA A 326 9.81 -4.54 -7.51
CA ALA A 326 10.85 -5.52 -7.77
C ALA A 326 11.09 -5.68 -9.27
N PHE A 327 10.01 -5.65 -10.05
CA PHE A 327 10.07 -5.75 -11.50
C PHE A 327 10.77 -4.57 -12.19
N ARG A 328 10.56 -3.35 -11.69
CA ARG A 328 11.19 -2.15 -12.26
C ARG A 328 12.72 -2.30 -12.23
N ARG A 329 13.22 -2.88 -11.15
CA ARG A 329 14.65 -3.05 -10.95
C ARG A 329 15.25 -4.10 -11.87
N SER A 330 14.48 -5.13 -12.18
CA SER A 330 14.88 -6.17 -13.11
C SER A 330 15.06 -5.62 -14.54
N LEU A 331 14.56 -4.42 -14.79
CA LEU A 331 14.61 -3.85 -16.14
C LEU A 331 15.81 -2.89 -16.36
N THR A 332 16.82 -2.98 -15.50
CA THR A 332 17.94 -2.03 -15.54
C THR A 332 19.11 -2.41 -16.46
N GLY A 333 19.47 -3.69 -16.52
CA GLY A 333 20.65 -4.10 -17.28
C GLY A 333 20.43 -4.21 -18.80
N ASP A 334 21.29 -5.01 -19.45
CA ASP A 334 21.12 -5.29 -20.88
C ASP A 334 20.13 -6.42 -21.11
N SER A 335 19.83 -6.69 -22.38
CA SER A 335 18.82 -7.68 -22.74
C SER A 335 18.96 -9.00 -21.99
N ALA A 336 20.16 -9.58 -22.03
CA ALA A 336 20.43 -10.85 -21.35
C ALA A 336 20.17 -10.76 -19.84
N THR A 337 20.52 -9.62 -19.25
CA THR A 337 20.37 -9.37 -17.81
C THR A 337 18.89 -9.26 -17.44
N ARG A 338 18.13 -8.50 -18.22
CA ARG A 338 16.70 -8.33 -17.98
C ARG A 338 15.93 -9.64 -18.09
N ARG A 339 16.27 -10.44 -19.11
CA ARG A 339 15.67 -11.77 -19.32
C ARG A 339 15.89 -12.70 -18.13
N ALA A 340 17.13 -12.78 -17.67
CA ALA A 340 17.46 -13.63 -16.52
C ALA A 340 16.86 -13.10 -15.21
N ALA A 341 16.82 -11.77 -15.06
CA ALA A 341 16.25 -11.11 -13.88
C ALA A 341 14.74 -11.31 -13.78
N PHE A 342 14.09 -11.44 -14.94
CA PHE A 342 12.65 -11.71 -15.07
C PHE A 342 12.35 -13.08 -14.48
N ASP A 343 13.08 -14.10 -14.94
CA ASP A 343 12.95 -15.47 -14.45
C ASP A 343 13.32 -15.62 -12.97
N ALA A 344 14.35 -14.91 -12.53
CA ALA A 344 14.78 -14.95 -11.14
C ALA A 344 13.66 -14.52 -10.17
N LEU A 345 12.90 -13.48 -10.54
CA LEU A 345 11.75 -13.02 -9.75
C LEU A 345 10.60 -14.05 -9.66
N ARG A 346 10.39 -14.78 -10.75
CA ARG A 346 9.41 -15.88 -10.77
C ARG A 346 9.87 -17.07 -9.94
N LYS A 347 11.13 -17.46 -10.11
CA LYS A 347 11.67 -18.63 -9.39
C LYS A 347 11.79 -18.40 -7.88
N HIS A 348 12.01 -17.15 -7.49
CA HIS A 348 12.21 -16.84 -6.09
C HIS A 348 11.12 -15.93 -5.54
N TYR A 349 9.94 -15.99 -6.18
CA TYR A 349 8.76 -15.24 -5.77
C TYR A 349 8.48 -15.43 -4.27
N PRO A 350 8.23 -14.34 -3.52
CA PRO A 350 8.07 -14.47 -2.05
C PRO A 350 6.72 -15.09 -1.64
N PRO A 351 6.62 -15.64 -0.41
CA PRO A 351 5.34 -16.18 0.08
C PRO A 351 4.22 -15.15 0.01
N ARG A 352 3.08 -15.56 -0.53
CA ARG A 352 1.98 -14.64 -0.78
C ARG A 352 0.66 -15.39 -0.73
N ARG A 353 -0.24 -14.90 0.12
CA ARG A 353 -1.45 -15.61 0.46
C ARG A 353 -2.63 -15.08 -0.34
N GLU A 354 -3.80 -15.67 -0.12
CA GLU A 354 -4.99 -15.33 -0.90
C GLU A 354 -6.02 -14.65 -0.03
N ILE A 355 -6.73 -13.69 -0.62
CA ILE A 355 -7.74 -12.88 0.08
C ILE A 355 -8.85 -13.76 0.70
N THR A 356 -9.12 -14.90 0.07
CA THR A 356 -10.13 -15.85 0.55
C THR A 356 -9.80 -16.44 1.93
N GLY A 357 -8.51 -16.52 2.27
CA GLY A 357 -8.05 -16.99 3.58
C GLY A 357 -8.12 -15.98 4.72
N LEU A 358 -8.48 -14.73 4.41
CA LEU A 358 -8.57 -13.68 5.44
C LEU A 358 -9.87 -13.76 6.27
N ARG A 359 -9.73 -13.72 7.59
CA ARG A 359 -10.91 -13.71 8.46
C ARG A 359 -11.28 -12.27 8.80
N VAL A 360 -12.54 -11.89 8.59
CA VAL A 360 -12.94 -10.51 8.84
C VAL A 360 -14.17 -10.44 9.75
N ALA A 361 -14.03 -9.67 10.84
CA ALA A 361 -15.15 -9.25 11.68
C ALA A 361 -15.58 -7.83 11.28
N THR A 362 -16.89 -7.60 11.32
CA THR A 362 -17.50 -6.39 10.75
C THR A 362 -18.47 -5.66 11.72
N GLY A 363 -18.66 -6.21 12.91
CA GLY A 363 -19.64 -5.67 13.89
C GLY A 363 -21.09 -5.75 13.41
N GLY A 364 -21.38 -6.75 12.59
CA GLY A 364 -22.71 -6.97 12.03
C GLY A 364 -23.21 -5.91 11.05
N GLN A 365 -22.30 -5.12 10.50
CA GLN A 365 -22.68 -4.12 9.52
C GLN A 365 -22.86 -4.74 8.14
N ALA A 366 -24.07 -4.60 7.58
CA ALA A 366 -24.47 -5.30 6.36
C ALA A 366 -23.65 -4.91 5.13
N GLU A 367 -23.36 -3.62 4.98
CA GLU A 367 -22.52 -3.13 3.86
C GLU A 367 -21.11 -3.74 3.90
N LEU A 368 -20.59 -3.95 5.11
CA LEU A 368 -19.27 -4.55 5.28
C LEU A 368 -19.27 -6.07 5.08
N GLN A 369 -20.31 -6.74 5.55
CA GLN A 369 -20.49 -8.19 5.31
C GLN A 369 -20.56 -8.50 3.82
N ARG A 370 -21.24 -7.62 3.08
CA ARG A 370 -21.37 -7.71 1.63
C ARG A 370 -19.99 -7.65 0.95
N VAL A 371 -19.14 -6.72 1.40
CA VAL A 371 -17.76 -6.58 0.89
C VAL A 371 -16.93 -7.83 1.18
N VAL A 372 -16.98 -8.31 2.42
CA VAL A 372 -16.27 -9.52 2.82
C VAL A 372 -16.69 -10.75 2.00
N ARG A 373 -18.00 -10.97 1.85
CA ARG A 373 -18.52 -12.14 1.09
C ARG A 373 -18.22 -12.03 -0.40
N ALA A 374 -18.37 -10.83 -0.96
CA ALA A 374 -18.04 -10.56 -2.37
C ALA A 374 -16.59 -10.88 -2.68
N LEU A 375 -15.71 -10.48 -1.74
CA LEU A 375 -14.29 -10.77 -1.82
C LEU A 375 -14.00 -12.26 -1.65
N GLY A 376 -14.90 -12.98 -0.99
CA GLY A 376 -14.68 -14.39 -0.67
C GLY A 376 -13.81 -14.60 0.56
N ALA A 377 -13.57 -13.54 1.31
CA ALA A 377 -12.93 -13.62 2.61
C ALA A 377 -13.90 -14.24 3.61
N GLN A 378 -13.38 -14.66 4.77
CA GLN A 378 -14.15 -15.42 5.75
C GLN A 378 -14.78 -14.51 6.78
N LEU A 379 -16.10 -14.42 6.79
CA LEU A 379 -16.83 -13.57 7.73
C LEU A 379 -16.85 -14.27 9.07
N VAL A 380 -16.41 -13.56 10.12
CA VAL A 380 -16.42 -14.11 11.48
C VAL A 380 -17.12 -13.20 12.48
N MET B 1 -17.48 31.26 33.84
CA MET B 1 -16.27 31.68 33.09
C MET B 1 -16.64 32.03 31.63
N ARG B 2 -16.04 33.09 31.10
CA ARG B 2 -16.36 33.57 29.74
C ARG B 2 -15.26 33.25 28.74
N ILE B 3 -15.58 32.37 27.79
CA ILE B 3 -14.60 31.78 26.88
C ILE B 3 -14.66 32.39 25.47
N LEU B 4 -13.48 32.71 24.93
CA LEU B 4 -13.35 33.08 23.52
C LEU B 4 -12.37 32.16 22.79
N ALA B 5 -12.88 31.47 21.76
CA ALA B 5 -12.06 30.58 20.93
C ALA B 5 -11.98 31.03 19.48
N ASP B 6 -10.81 30.89 18.88
CA ASP B 6 -10.66 31.00 17.43
C ASP B 6 -11.62 30.00 16.80
N GLU B 7 -12.43 30.46 15.85
CA GLU B 7 -13.51 29.65 15.26
C GLU B 7 -13.04 28.34 14.63
N ASN B 8 -11.79 28.30 14.19
CA ASN B 8 -11.20 27.11 13.57
C ASN B 8 -10.91 25.94 14.52
N ILE B 9 -10.88 26.24 15.81
CA ILE B 9 -10.55 25.25 16.84
C ILE B 9 -11.77 24.35 17.10
N PRO B 10 -11.60 23.03 16.87
CA PRO B 10 -12.72 22.10 16.99
C PRO B 10 -13.03 21.71 18.44
N VAL B 11 -14.26 21.25 18.66
CA VAL B 11 -14.63 20.54 19.88
C VAL B 11 -14.46 21.37 21.17
N VAL B 12 -14.57 22.69 21.04
CA VAL B 12 -14.51 23.61 22.17
C VAL B 12 -15.71 23.42 23.10
N ASP B 13 -16.91 23.27 22.53
CA ASP B 13 -18.11 23.05 23.32
C ASP B 13 -18.08 21.75 24.10
N ALA B 14 -17.67 20.67 23.45
CA ALA B 14 -17.60 19.37 24.10
C ALA B 14 -16.73 19.41 25.35
N PHE B 15 -15.62 20.13 25.28
CA PHE B 15 -14.71 20.27 26.42
C PHE B 15 -15.14 21.36 27.41
N PHE B 16 -15.54 22.52 26.91
CA PHE B 16 -15.75 23.72 27.75
C PHE B 16 -17.20 24.17 27.99
N ALA B 17 -18.19 23.37 27.58
CA ALA B 17 -19.59 23.80 27.69
C ALA B 17 -20.04 24.08 29.12
N ASP B 18 -19.83 23.11 30.02
CA ASP B 18 -20.27 23.23 31.41
C ASP B 18 -19.34 24.14 32.22
N GLN B 19 -18.43 24.79 31.50
CA GLN B 19 -17.41 25.62 32.11
C GLN B 19 -17.79 27.10 32.08
N GLY B 20 -18.81 27.41 31.27
CA GLY B 20 -19.30 28.78 31.12
C GLY B 20 -19.85 29.01 29.73
N SER B 21 -19.84 30.27 29.31
CA SER B 21 -20.31 30.63 27.97
C SER B 21 -19.14 30.66 26.98
N ILE B 22 -19.39 30.13 25.79
CA ILE B 22 -18.38 30.11 24.72
C ILE B 22 -18.79 31.08 23.60
N ARG B 23 -17.83 31.87 23.15
CA ARG B 23 -18.00 32.75 22.00
C ARG B 23 -16.91 32.42 20.97
N ARG B 24 -17.26 32.49 19.69
CA ARG B 24 -16.34 32.14 18.62
C ARG B 24 -16.22 33.23 17.59
N LEU B 25 -14.99 33.56 17.22
CA LEU B 25 -14.70 34.58 16.22
C LEU B 25 -13.53 34.13 15.35
N PRO B 26 -13.45 34.66 14.10
CA PRO B 26 -12.26 34.45 13.27
C PRO B 26 -10.97 34.89 13.98
N GLY B 27 -9.86 34.28 13.61
CA GLY B 27 -8.57 34.51 14.28
C GLY B 27 -8.08 35.95 14.31
N ARG B 28 -8.08 36.61 13.16
CA ARG B 28 -7.60 38.00 13.08
C ARG B 28 -8.70 39.03 13.40
N ALA B 29 -9.93 38.54 13.59
CA ALA B 29 -11.05 39.37 14.05
C ALA B 29 -11.15 39.41 15.58
N ILE B 30 -10.13 38.88 16.24
CA ILE B 30 -10.02 38.93 17.71
C ILE B 30 -8.98 39.99 18.09
N ASP B 31 -9.47 41.08 18.67
CA ASP B 31 -8.63 42.21 19.09
C ASP B 31 -9.08 42.77 20.44
N ARG B 32 -8.61 43.98 20.76
CA ARG B 32 -8.87 44.63 22.06
C ARG B 32 -10.35 44.70 22.47
N ALA B 33 -11.22 45.01 21.50
CA ALA B 33 -12.65 45.15 21.76
C ALA B 33 -13.31 43.82 22.14
N ALA B 34 -12.87 42.75 21.47
CA ALA B 34 -13.39 41.39 21.70
C ALA B 34 -12.97 40.83 23.07
N LEU B 35 -11.76 41.19 23.51
CA LEU B 35 -11.19 40.65 24.75
C LEU B 35 -11.75 41.26 26.04
N ALA B 36 -12.55 42.33 25.91
CA ALA B 36 -13.09 43.07 27.05
C ALA B 36 -13.99 42.26 27.99
N GLU B 37 -14.57 41.17 27.48
CA GLU B 37 -15.40 40.28 28.28
C GLU B 37 -14.93 38.81 28.17
N VAL B 38 -13.61 38.63 28.16
CA VAL B 38 -13.00 37.31 27.97
C VAL B 38 -12.12 36.91 29.16
N ASP B 39 -12.43 35.75 29.74
CA ASP B 39 -11.65 35.20 30.85
C ASP B 39 -10.63 34.18 30.38
N VAL B 40 -11.05 33.25 29.52
CA VAL B 40 -10.15 32.28 28.91
C VAL B 40 -10.10 32.41 27.37
N LEU B 41 -8.90 32.68 26.86
CA LEU B 41 -8.69 32.84 25.44
C LEU B 41 -8.04 31.60 24.79
N LEU B 42 -8.67 31.12 23.72
CA LEU B 42 -8.16 29.95 22.97
C LEU B 42 -7.88 30.33 21.52
N VAL B 43 -6.60 30.37 21.17
CA VAL B 43 -6.17 30.88 19.87
C VAL B 43 -5.31 29.91 19.07
N ARG B 44 -5.06 30.29 17.82
CA ARG B 44 -4.04 29.68 17.00
C ARG B 44 -2.96 30.73 16.76
N SER B 45 -2.08 30.51 15.79
CA SER B 45 -0.96 31.41 15.55
C SER B 45 -1.31 32.71 14.81
N VAL B 46 -2.61 32.99 14.67
CA VAL B 46 -3.08 34.18 13.95
C VAL B 46 -3.41 35.33 14.91
N THR B 47 -4.14 35.02 15.97
CA THR B 47 -4.52 36.01 16.98
C THR B 47 -3.32 36.47 17.80
N GLU B 48 -3.29 37.78 18.10
CA GLU B 48 -2.22 38.39 18.87
C GLU B 48 -2.47 38.23 20.37
N VAL B 49 -1.46 37.74 21.09
CA VAL B 49 -1.58 37.49 22.54
C VAL B 49 -0.45 38.16 23.33
N SER B 50 0.03 39.29 22.80
CA SER B 50 1.13 40.04 23.42
C SER B 50 0.63 40.98 24.52
N ARG B 51 1.56 41.70 25.13
CA ARG B 51 1.25 42.72 26.14
C ARG B 51 0.28 43.75 25.58
N ALA B 52 0.67 44.35 24.45
CA ALA B 52 -0.16 45.34 23.75
C ALA B 52 -1.58 44.83 23.53
N ALA B 53 -1.70 43.58 23.10
CA ALA B 53 -2.98 42.94 22.81
C ALA B 53 -3.83 42.64 24.04
N LEU B 54 -3.19 42.22 25.14
CA LEU B 54 -3.89 41.67 26.30
C LEU B 54 -4.16 42.63 27.47
N ALA B 55 -3.28 43.63 27.65
CA ALA B 55 -3.36 44.53 28.82
C ALA B 55 -4.70 45.27 28.89
N GLY B 56 -5.34 45.21 30.06
CA GLY B 56 -6.63 45.87 30.26
C GLY B 56 -7.84 44.96 30.09
N SER B 57 -7.60 43.69 29.74
CA SER B 57 -8.66 42.69 29.62
C SER B 57 -8.65 41.74 30.82
N PRO B 58 -9.80 41.10 31.11
CA PRO B 58 -9.88 40.12 32.21
C PRO B 58 -9.37 38.71 31.86
N VAL B 59 -8.59 38.61 30.79
CA VAL B 59 -8.01 37.34 30.32
C VAL B 59 -7.05 36.71 31.33
N ARG B 60 -7.41 35.52 31.82
CA ARG B 60 -6.67 34.83 32.88
C ARG B 60 -5.99 33.54 32.41
N PHE B 61 -6.34 33.11 31.19
CA PHE B 61 -5.80 31.87 30.60
C PHE B 61 -5.67 32.01 29.09
N VAL B 62 -4.49 31.70 28.57
CA VAL B 62 -4.24 31.67 27.11
C VAL B 62 -3.86 30.24 26.66
N GLY B 63 -4.67 29.65 25.81
CA GLY B 63 -4.42 28.30 25.29
C GLY B 63 -4.17 28.24 23.79
N THR B 64 -3.16 27.47 23.38
CA THR B 64 -2.77 27.31 21.98
C THR B 64 -1.98 26.03 21.73
N CYS B 65 -1.96 25.59 20.46
CA CYS B 65 -1.03 24.56 19.98
C CYS B 65 0.01 25.16 19.05
N THR B 66 -0.47 25.89 18.04
CA THR B 66 0.37 26.36 16.95
C THR B 66 1.55 27.27 17.34
N ILE B 67 1.44 27.93 18.48
CA ILE B 67 2.49 28.86 18.95
C ILE B 67 3.38 28.20 20.00
N GLY B 68 4.68 28.24 19.77
CA GLY B 68 5.66 27.74 20.74
C GLY B 68 5.90 28.73 21.87
N THR B 69 6.55 28.26 22.95
CA THR B 69 6.85 29.12 24.10
C THR B 69 7.94 30.18 23.80
N ASP B 70 8.66 29.98 22.70
CA ASP B 70 9.60 30.98 22.17
C ASP B 70 8.88 32.21 21.61
N HIS B 71 7.63 32.02 21.18
CA HIS B 71 6.86 33.09 20.56
C HIS B 71 5.66 33.55 21.42
N LEU B 72 5.67 33.14 22.69
CA LEU B 72 4.72 33.65 23.69
C LEU B 72 5.47 34.52 24.69
N ASP B 73 4.86 35.65 25.06
CA ASP B 73 5.45 36.55 26.04
C ASP B 73 5.17 36.03 27.46
N LEU B 74 5.89 34.99 27.84
CA LEU B 74 5.70 34.32 29.14
C LEU B 74 6.04 35.21 30.33
N ASP B 75 7.10 36.02 30.20
CA ASP B 75 7.41 37.04 31.21
C ASP B 75 6.25 38.03 31.41
N TYR B 76 5.54 38.37 30.34
CA TYR B 76 4.34 39.20 30.51
C TYR B 76 3.20 38.46 31.22
N PHE B 77 2.95 37.21 30.84
CA PHE B 77 1.91 36.38 31.46
C PHE B 77 2.15 36.24 32.97
N ALA B 78 3.41 36.02 33.34
CA ALA B 78 3.82 35.98 34.74
C ALA B 78 3.51 37.31 35.45
N GLU B 79 3.97 38.41 34.85
CA GLU B 79 3.73 39.75 35.37
C GLU B 79 2.24 40.06 35.58
N ALA B 80 1.41 39.66 34.61
CA ALA B 80 -0.02 39.96 34.63
C ALA B 80 -0.85 38.91 35.40
N GLY B 81 -0.24 37.77 35.71
CA GLY B 81 -0.95 36.68 36.36
C GLY B 81 -1.89 35.97 35.41
N ILE B 82 -1.43 35.76 34.18
CA ILE B 82 -2.19 35.01 33.18
C ILE B 82 -1.60 33.61 33.06
N ALA B 83 -2.45 32.60 33.19
CA ALA B 83 -2.06 31.21 32.96
C ALA B 83 -2.01 30.92 31.46
N TRP B 84 -1.26 29.90 31.07
CA TRP B 84 -1.08 29.59 29.66
C TRP B 84 -0.92 28.09 29.39
N SER B 85 -1.38 27.68 28.22
CA SER B 85 -1.10 26.34 27.69
C SER B 85 -0.56 26.49 26.28
N SER B 86 0.69 26.06 26.09
CA SER B 86 1.25 25.87 24.76
C SER B 86 1.39 24.38 24.54
N ALA B 87 0.26 23.73 24.24
CA ALA B 87 0.14 22.29 24.17
C ALA B 87 1.22 21.65 23.28
N PRO B 88 2.14 20.89 23.89
CA PRO B 88 3.25 20.30 23.13
C PRO B 88 2.83 19.10 22.28
N GLY B 89 3.22 19.12 21.01
CA GLY B 89 3.00 17.98 20.10
C GLY B 89 1.57 17.56 19.86
N CYS B 90 0.70 18.54 19.60
CA CYS B 90 -0.72 18.31 19.32
C CYS B 90 -0.90 17.43 18.08
N ASN B 91 -0.10 17.70 17.06
CA ASN B 91 -0.15 16.96 15.80
C ASN B 91 1.13 16.17 15.48
N ALA B 92 1.85 15.76 16.52
CA ALA B 92 3.14 15.09 16.37
C ALA B 92 3.09 13.62 15.89
N ARG B 93 2.19 12.82 16.47
CA ARG B 93 2.12 11.37 16.17
C ARG B 93 1.83 11.08 14.70
N GLY B 94 0.95 11.87 14.10
CA GLY B 94 0.64 11.76 12.68
C GLY B 94 1.86 11.83 11.77
N VAL B 95 2.84 12.65 12.16
CA VAL B 95 4.07 12.83 11.38
C VAL B 95 4.93 11.58 11.48
N VAL B 96 4.92 10.94 12.64
CA VAL B 96 5.66 9.70 12.84
C VAL B 96 5.14 8.60 11.91
N ASP B 97 3.81 8.49 11.82
CA ASP B 97 3.14 7.53 10.94
C ASP B 97 3.50 7.78 9.48
N TYR B 98 3.51 9.06 9.08
CA TYR B 98 3.90 9.48 7.72
C TYR B 98 5.31 9.07 7.34
N VAL B 99 6.27 9.25 8.27
CA VAL B 99 7.66 8.87 8.04
C VAL B 99 7.79 7.35 7.87
N LEU B 100 7.18 6.60 8.80
CA LEU B 100 7.13 5.14 8.71
C LEU B 100 6.60 4.68 7.36
N GLY B 101 5.49 5.26 6.91
CA GLY B 101 4.93 4.96 5.59
C GLY B 101 5.87 5.26 4.43
N CYS B 102 6.58 6.38 4.51
CA CYS B 102 7.62 6.77 3.55
C CYS B 102 8.77 5.79 3.51
N LEU B 103 9.23 5.37 4.68
CA LEU B 103 10.33 4.40 4.77
C LEU B 103 9.94 3.07 4.12
N LEU B 104 8.68 2.67 4.33
CA LEU B 104 8.13 1.45 3.71
C LEU B 104 8.11 1.55 2.20
N ALA B 105 7.68 2.70 1.68
CA ALA B 105 7.66 2.95 0.24
C ALA B 105 9.05 2.95 -0.35
N MET B 106 9.99 3.56 0.39
CA MET B 106 11.39 3.69 0.01
C MET B 106 12.08 2.32 -0.01
N ALA B 107 11.86 1.53 1.05
CA ALA B 107 12.41 0.18 1.13
C ALA B 107 11.90 -0.71 -0.01
N GLU B 108 10.64 -0.51 -0.38
CA GLU B 108 9.99 -1.24 -1.46
C GLU B 108 10.56 -0.91 -2.86
N VAL B 109 10.74 0.38 -3.19
CA VAL B 109 11.35 0.72 -4.49
C VAL B 109 12.80 0.24 -4.61
N ARG B 110 13.48 0.18 -3.47
CA ARG B 110 14.91 -0.16 -3.38
C ARG B 110 15.22 -1.61 -3.06
N GLY B 111 14.24 -2.38 -2.56
CA GLY B 111 14.49 -3.74 -2.11
C GLY B 111 15.42 -3.75 -0.90
N ALA B 112 15.25 -2.77 -0.02
CA ALA B 112 16.12 -2.61 1.14
C ALA B 112 15.51 -3.20 2.40
N ASP B 113 16.37 -3.76 3.24
CA ASP B 113 16.03 -4.16 4.60
C ASP B 113 16.16 -2.92 5.50
N LEU B 114 15.02 -2.41 5.99
CA LEU B 114 14.96 -1.26 6.90
C LEU B 114 15.82 -1.39 8.16
N ALA B 115 16.00 -2.63 8.63
CA ALA B 115 16.74 -2.92 9.85
C ALA B 115 18.25 -2.72 9.70
N GLU B 116 18.74 -2.73 8.46
CA GLU B 116 20.17 -2.58 8.17
C GLU B 116 20.53 -1.13 7.85
N ARG B 117 19.51 -0.28 7.77
CA ARG B 117 19.70 1.14 7.54
C ARG B 117 20.26 1.86 8.77
N THR B 118 20.90 2.99 8.52
CA THR B 118 21.45 3.83 9.58
C THR B 118 20.69 5.14 9.54
N TYR B 119 19.94 5.39 10.62
CA TYR B 119 19.00 6.49 10.63
C TYR B 119 19.61 7.71 11.30
N GLY B 120 19.25 8.88 10.75
CA GLY B 120 19.74 10.14 11.28
C GLY B 120 18.55 11.05 11.45
N VAL B 121 18.22 11.34 12.72
CA VAL B 121 17.13 12.22 13.07
C VAL B 121 17.71 13.59 13.48
N VAL B 122 17.45 14.61 12.65
CA VAL B 122 17.88 15.98 12.93
C VAL B 122 16.71 16.73 13.57
N GLY B 123 16.78 16.91 14.89
CA GLY B 123 15.71 17.52 15.65
C GLY B 123 14.90 16.42 16.29
N ALA B 124 15.00 16.32 17.61
CA ALA B 124 14.38 15.24 18.36
C ALA B 124 13.50 15.77 19.48
N GLY B 125 12.51 16.57 19.10
CA GLY B 125 11.52 17.10 20.03
C GLY B 125 10.29 16.22 20.07
N GLN B 126 9.13 16.83 19.91
CA GLN B 126 7.85 16.12 19.99
C GLN B 126 7.72 15.07 18.88
N VAL B 127 8.06 15.46 17.65
CA VAL B 127 8.01 14.55 16.52
C VAL B 127 9.23 13.63 16.51
N GLY B 128 10.40 14.22 16.28
CA GLY B 128 11.67 13.47 16.24
C GLY B 128 11.91 12.54 17.41
N GLY B 129 11.58 13.00 18.61
CA GLY B 129 11.73 12.17 19.81
C GLY B 129 10.85 10.92 19.77
N ARG B 130 9.64 11.07 19.25
CA ARG B 130 8.74 9.93 19.03
C ARG B 130 9.27 8.98 17.95
N LEU B 131 9.77 9.53 16.85
CA LEU B 131 10.37 8.75 15.77
C LEU B 131 11.52 7.90 16.28
N VAL B 132 12.47 8.56 16.94
CA VAL B 132 13.63 7.91 17.58
C VAL B 132 13.25 6.68 18.42
N GLU B 133 12.23 6.79 19.27
CA GLU B 133 11.88 5.65 20.13
C GLU B 133 11.19 4.50 19.39
N VAL B 134 10.52 4.80 18.28
CA VAL B 134 9.98 3.77 17.40
C VAL B 134 11.14 3.02 16.74
N LEU B 135 12.02 3.77 16.07
CA LEU B 135 13.14 3.17 15.35
C LEU B 135 14.00 2.33 16.28
N ARG B 136 14.40 2.89 17.42
CA ARG B 136 15.19 2.16 18.43
C ARG B 136 14.44 0.99 19.04
N GLY B 137 13.13 1.14 19.23
CA GLY B 137 12.30 0.07 19.78
C GLY B 137 12.33 -1.17 18.89
N LEU B 138 12.47 -0.94 17.58
CA LEU B 138 12.58 -1.99 16.58
C LEU B 138 13.99 -2.59 16.54
N GLY B 139 14.92 -1.93 17.22
CA GLY B 139 16.30 -2.37 17.33
C GLY B 139 17.22 -1.78 16.29
N TRP B 140 16.78 -0.70 15.64
CA TRP B 140 17.51 -0.10 14.52
C TRP B 140 18.51 0.97 14.99
N LYS B 141 19.55 1.20 14.17
CA LYS B 141 20.59 2.17 14.52
C LYS B 141 20.11 3.58 14.23
N VAL B 142 20.07 4.42 15.27
CA VAL B 142 19.64 5.81 15.13
C VAL B 142 20.68 6.81 15.69
N LEU B 143 21.14 7.69 14.81
CA LEU B 143 21.98 8.83 15.18
C LEU B 143 21.09 10.05 15.40
N VAL B 144 21.24 10.71 16.54
CA VAL B 144 20.40 11.85 16.89
C VAL B 144 21.20 13.16 16.91
N CYS B 145 20.80 14.11 16.07
CA CYS B 145 21.37 15.44 16.09
C CYS B 145 20.36 16.43 16.67
N ASP B 146 20.72 17.00 17.82
CA ASP B 146 19.89 18.00 18.51
C ASP B 146 20.80 18.80 19.47
N PRO B 147 21.48 19.85 18.95
CA PRO B 147 22.42 20.66 19.76
C PRO B 147 21.84 21.25 21.06
N PRO B 148 20.66 21.91 21.01
CA PRO B 148 20.02 22.34 22.28
C PRO B 148 19.82 21.23 23.32
N ARG B 149 19.24 20.09 22.93
CA ARG B 149 19.03 18.97 23.86
C ARG B 149 20.34 18.40 24.39
N GLN B 150 21.38 18.48 23.55
CA GLN B 150 22.72 17.99 23.89
C GLN B 150 23.32 18.83 25.02
N ALA B 151 23.11 20.15 24.95
CA ALA B 151 23.60 21.10 25.95
C ALA B 151 22.90 20.94 27.30
N ARG B 152 21.64 20.50 27.29
CA ARG B 152 20.88 20.31 28.53
C ARG B 152 20.94 18.87 29.04
N GLU B 153 21.33 17.95 28.17
CA GLU B 153 21.45 16.54 28.52
C GLU B 153 22.87 16.07 28.23
N PRO B 154 23.76 16.18 29.24
CA PRO B 154 25.15 15.76 29.07
C PRO B 154 25.35 14.23 29.14
N ASP B 155 24.34 13.51 29.62
CA ASP B 155 24.41 12.05 29.72
C ASP B 155 23.92 11.34 28.45
N GLY B 156 23.05 11.99 27.69
CA GLY B 156 22.53 11.42 26.45
C GLY B 156 23.57 11.36 25.35
N GLU B 157 23.37 10.45 24.39
CA GLU B 157 24.26 10.33 23.23
C GLU B 157 23.70 11.05 22.00
N PHE B 158 24.31 12.19 21.69
CA PHE B 158 23.94 13.01 20.54
C PHE B 158 25.14 13.12 19.62
N VAL B 159 24.88 13.43 18.34
CA VAL B 159 25.95 13.63 17.38
C VAL B 159 25.79 14.99 16.70
N SER B 160 26.87 15.45 16.07
CA SER B 160 26.85 16.69 15.31
C SER B 160 26.17 16.47 13.97
N LEU B 161 25.70 17.56 13.37
CA LEU B 161 25.06 17.52 12.05
C LEU B 161 25.97 16.87 10.99
N GLU B 162 27.26 17.17 11.04
CA GLU B 162 28.21 16.70 10.02
C GLU B 162 28.57 15.22 10.18
N ARG B 163 28.54 14.71 11.41
CA ARG B 163 28.73 13.29 11.65
C ARG B 163 27.49 12.49 11.22
N LEU B 164 26.31 13.04 11.49
CA LEU B 164 25.05 12.44 11.05
C LEU B 164 25.06 12.30 9.53
N LEU B 165 25.41 13.39 8.85
CA LEU B 165 25.53 13.35 7.38
C LEU B 165 26.60 12.40 6.90
N ALA B 166 27.61 12.16 7.73
CA ALA B 166 28.68 11.24 7.37
C ALA B 166 28.24 9.79 7.51
N GLU B 167 27.42 9.50 8.50
CA GLU B 167 27.11 8.11 8.86
C GLU B 167 25.69 7.62 8.54
N ALA B 168 24.72 8.53 8.46
CA ALA B 168 23.33 8.17 8.16
C ALA B 168 23.10 7.92 6.68
N ASP B 169 22.37 6.84 6.35
CA ASP B 169 21.86 6.65 4.99
C ASP B 169 20.36 6.92 4.87
N VAL B 170 19.72 7.21 6.01
CA VAL B 170 18.34 7.70 6.03
C VAL B 170 18.25 8.94 6.92
N ILE B 171 17.83 10.06 6.34
CA ILE B 171 17.72 11.31 7.07
C ILE B 171 16.27 11.74 7.16
N SER B 172 15.83 12.06 8.37
CA SER B 172 14.54 12.71 8.55
C SER B 172 14.69 13.98 9.39
N LEU B 173 14.14 15.08 8.87
CA LEU B 173 14.28 16.39 9.50
C LEU B 173 13.05 16.74 10.34
N HIS B 174 13.28 17.14 11.59
CA HIS B 174 12.21 17.50 12.52
C HIS B 174 12.58 18.70 13.42
N THR B 175 13.21 19.70 12.83
CA THR B 175 13.58 20.93 13.53
C THR B 175 12.52 22.01 13.25
N PRO B 176 12.46 23.06 14.11
CA PRO B 176 11.69 24.24 13.73
C PRO B 176 12.42 24.97 12.60
N LEU B 177 11.78 25.97 12.01
CA LEU B 177 12.45 26.84 11.04
C LEU B 177 12.96 28.10 11.77
N ASN B 178 14.22 28.08 12.14
CA ASN B 178 14.86 29.22 12.80
C ASN B 178 15.86 29.91 11.85
N ARG B 179 15.54 31.14 11.47
CA ARG B 179 16.44 31.95 10.64
C ARG B 179 17.61 32.50 11.46
N ASP B 180 17.35 32.74 12.73
CA ASP B 180 18.33 33.35 13.63
C ASP B 180 18.63 32.45 14.83
N GLY B 181 19.04 33.05 15.94
CA GLY B 181 19.35 32.31 17.16
C GLY B 181 20.70 31.62 17.09
N GLU B 182 20.98 30.79 18.10
CA GLU B 182 22.25 30.09 18.23
C GLU B 182 22.45 29.00 17.17
N HIS B 183 21.37 28.26 16.86
CA HIS B 183 21.43 27.18 15.87
C HIS B 183 20.37 27.37 14.76
N PRO B 184 20.74 28.13 13.70
CA PRO B 184 19.83 28.40 12.59
C PRO B 184 19.58 27.16 11.71
N THR B 185 18.36 27.03 11.18
CA THR B 185 17.92 25.82 10.46
C THR B 185 17.43 26.07 9.03
N ARG B 186 17.36 27.34 8.61
CA ARG B 186 17.01 27.65 7.23
C ARG B 186 18.10 27.12 6.30
N HIS B 187 17.68 26.34 5.30
CA HIS B 187 18.60 25.66 4.38
C HIS B 187 19.66 24.85 5.14
N LEU B 188 19.25 24.29 6.28
CA LEU B 188 20.09 23.37 7.05
C LEU B 188 20.66 22.33 6.09
N LEU B 189 19.86 21.97 5.09
CA LEU B 189 20.33 21.19 3.95
C LEU B 189 20.44 22.08 2.70
N ASP B 190 21.64 22.62 2.51
CA ASP B 190 21.97 23.48 1.38
C ASP B 190 22.65 22.66 0.29
N GLU B 191 23.01 23.32 -0.83
CA GLU B 191 23.61 22.60 -1.97
C GLU B 191 24.86 21.77 -1.61
N PRO B 192 25.82 22.32 -0.84
CA PRO B 192 26.99 21.47 -0.56
C PRO B 192 26.68 20.23 0.27
N ARG B 193 25.75 20.32 1.22
CA ARG B 193 25.38 19.19 2.06
C ARG B 193 24.53 18.18 1.28
N LEU B 194 23.62 18.70 0.44
CA LEU B 194 22.79 17.86 -0.42
C LEU B 194 23.62 17.17 -1.49
N ALA B 195 24.57 17.90 -2.07
CA ALA B 195 25.46 17.36 -3.12
C ALA B 195 26.40 16.29 -2.60
N ALA B 196 26.70 16.35 -1.30
CA ALA B 196 27.59 15.39 -0.65
C ALA B 196 26.90 14.10 -0.19
N LEU B 197 25.57 14.05 -0.31
CA LEU B 197 24.81 12.85 0.09
C LEU B 197 25.17 11.67 -0.78
N ARG B 198 25.69 10.63 -0.15
CA ARG B 198 26.13 9.43 -0.85
C ARG B 198 24.99 8.81 -1.66
N PRO B 199 25.32 8.23 -2.84
CA PRO B 199 24.32 7.55 -3.67
C PRO B 199 23.53 6.51 -2.87
N GLY B 200 22.21 6.52 -3.05
CA GLY B 200 21.31 5.58 -2.37
C GLY B 200 20.88 6.01 -0.98
N THR B 201 21.14 7.26 -0.63
CA THR B 201 20.74 7.84 0.65
C THR B 201 19.28 8.28 0.55
N TRP B 202 18.53 8.18 1.66
CA TRP B 202 17.13 8.60 1.67
C TRP B 202 16.96 9.86 2.50
N LEU B 203 16.05 10.72 2.05
CA LEU B 203 15.73 11.96 2.75
C LEU B 203 14.23 12.15 2.92
N VAL B 204 13.81 12.37 4.16
CA VAL B 204 12.43 12.75 4.47
C VAL B 204 12.45 14.16 5.10
N ASN B 205 11.68 15.08 4.53
CA ASN B 205 11.41 16.35 5.20
C ASN B 205 9.92 16.63 5.36
N ALA B 206 9.45 16.45 6.59
CA ALA B 206 8.10 16.84 7.00
C ALA B 206 8.15 17.81 8.19
N SER B 207 9.20 18.63 8.26
CA SER B 207 9.28 19.71 9.26
C SER B 207 8.69 21.01 8.68
N ARG B 208 9.57 21.88 8.19
CA ARG B 208 9.14 23.07 7.43
C ARG B 208 9.90 23.14 6.12
N GLY B 209 9.25 23.68 5.09
CA GLY B 209 9.82 23.73 3.74
C GLY B 209 11.24 24.25 3.67
N ALA B 210 11.45 25.48 4.11
CA ALA B 210 12.74 26.17 3.95
C ALA B 210 13.91 25.59 4.76
N VAL B 211 13.72 24.44 5.40
CA VAL B 211 14.82 23.73 6.05
C VAL B 211 15.69 23.04 4.99
N VAL B 212 15.10 22.72 3.85
CA VAL B 212 15.83 22.18 2.71
C VAL B 212 15.82 23.22 1.59
N ASP B 213 16.97 23.39 0.95
CA ASP B 213 17.08 24.21 -0.24
C ASP B 213 16.41 23.49 -1.41
N ASN B 214 15.12 23.77 -1.61
CA ASN B 214 14.30 23.08 -2.62
C ASN B 214 14.85 23.17 -4.03
N GLN B 215 15.38 24.33 -4.40
CA GLN B 215 15.87 24.57 -5.76
C GLN B 215 17.18 23.82 -6.04
N ALA B 216 18.07 23.80 -5.05
CA ALA B 216 19.28 22.98 -5.11
C ALA B 216 18.92 21.49 -5.21
N LEU B 217 17.96 21.05 -4.39
CA LEU B 217 17.50 19.67 -4.40
C LEU B 217 16.95 19.27 -5.78
N ARG B 218 16.08 20.11 -6.35
CA ARG B 218 15.53 19.86 -7.68
C ARG B 218 16.62 19.67 -8.73
N ARG B 219 17.57 20.61 -8.77
CA ARG B 219 18.65 20.59 -9.75
C ARG B 219 19.58 19.39 -9.55
N LEU B 220 19.85 19.05 -8.29
CA LEU B 220 20.64 17.86 -7.96
C LEU B 220 20.01 16.57 -8.45
N LEU B 221 18.69 16.48 -8.34
CA LEU B 221 17.94 15.31 -8.80
C LEU B 221 17.83 15.29 -10.32
N GLU B 222 17.48 16.43 -10.91
CA GLU B 222 17.48 16.57 -12.37
C GLU B 222 18.83 16.19 -12.96
N GLY B 223 19.90 16.54 -12.24
CA GLY B 223 21.26 16.18 -12.63
C GLY B 223 21.57 14.70 -12.54
N GLY B 224 20.69 13.94 -11.90
CA GLY B 224 20.82 12.48 -11.83
C GLY B 224 21.31 11.94 -10.50
N ALA B 225 21.10 12.69 -9.43
CA ALA B 225 21.50 12.24 -8.08
C ALA B 225 20.75 10.95 -7.71
N ASP B 226 21.47 10.02 -7.09
CA ASP B 226 20.91 8.75 -6.69
C ASP B 226 20.37 8.88 -5.26
N LEU B 227 19.12 9.31 -5.16
CA LEU B 227 18.46 9.52 -3.86
C LEU B 227 17.01 9.06 -3.89
N GLU B 228 16.47 8.78 -2.70
CA GLU B 228 15.01 8.70 -2.52
C GLU B 228 14.60 9.86 -1.62
N VAL B 229 13.59 10.60 -2.07
CA VAL B 229 13.14 11.79 -1.38
C VAL B 229 11.64 11.79 -1.12
N ALA B 230 11.28 12.03 0.14
CA ALA B 230 9.90 12.27 0.53
C ALA B 230 9.80 13.68 1.11
N LEU B 231 9.00 14.54 0.47
CA LEU B 231 8.73 15.88 1.01
C LEU B 231 7.24 16.10 1.29
N ASP B 232 6.94 16.43 2.54
CA ASP B 232 5.60 16.87 2.93
C ASP B 232 5.54 18.40 3.06
N VAL B 233 6.72 19.04 3.14
CA VAL B 233 6.81 20.50 3.31
C VAL B 233 7.67 21.16 2.24
N TRP B 234 7.20 22.29 1.71
CA TRP B 234 7.77 22.91 0.52
C TRP B 234 8.14 24.37 0.76
N GLU B 235 9.11 24.87 0.01
CA GLU B 235 9.62 26.24 0.20
C GLU B 235 8.63 27.37 -0.10
N GLY B 236 7.75 27.19 -1.08
CA GLY B 236 6.82 28.27 -1.43
C GLY B 236 5.32 27.99 -1.26
N GLU B 237 4.98 27.20 -0.24
CA GLU B 237 3.59 26.77 0.01
C GLU B 237 2.59 27.94 -0.03
N PRO B 238 1.43 27.75 -0.69
CA PRO B 238 0.89 26.56 -1.37
C PRO B 238 1.39 26.33 -2.80
N GLN B 239 2.52 26.94 -3.16
CA GLN B 239 3.08 26.80 -4.50
C GLN B 239 4.30 25.89 -4.43
N ALA B 240 4.05 24.59 -4.36
CA ALA B 240 5.11 23.59 -4.40
C ALA B 240 5.76 23.53 -5.78
N ASP B 241 7.07 23.34 -5.80
CA ASP B 241 7.86 23.21 -7.01
C ASP B 241 7.48 21.92 -7.74
N PRO B 242 6.83 22.04 -8.92
CA PRO B 242 6.29 20.85 -9.60
C PRO B 242 7.36 19.95 -10.24
N GLU B 243 8.52 20.52 -10.55
CA GLU B 243 9.61 19.76 -11.15
C GLU B 243 10.40 19.05 -10.07
N LEU B 244 10.36 19.61 -8.85
CA LEU B 244 10.92 18.92 -7.69
C LEU B 244 10.01 17.77 -7.25
N ALA B 245 8.69 18.02 -7.23
CA ALA B 245 7.69 17.03 -6.83
C ALA B 245 7.74 15.77 -7.69
N ALA B 246 7.94 15.97 -9.00
CA ALA B 246 8.02 14.90 -9.99
C ALA B 246 9.21 13.97 -9.77
N ARG B 247 10.19 14.45 -9.01
CA ARG B 247 11.42 13.71 -8.73
C ARG B 247 11.42 13.15 -7.31
N CYS B 248 10.41 13.49 -6.52
CA CYS B 248 10.25 12.94 -5.20
C CYS B 248 9.47 11.63 -5.30
N LEU B 249 9.87 10.64 -4.49
CA LEU B 249 9.13 9.39 -4.36
C LEU B 249 7.77 9.69 -3.72
N ILE B 250 7.80 10.38 -2.57
CA ILE B 250 6.58 10.81 -1.91
C ILE B 250 6.51 12.33 -1.86
N ALA B 251 5.41 12.88 -2.35
CA ALA B 251 5.19 14.34 -2.38
C ALA B 251 3.77 14.61 -1.92
N THR B 252 3.64 15.30 -0.80
CA THR B 252 2.34 15.54 -0.18
C THR B 252 2.23 17.02 0.27
N PRO B 253 0.99 17.54 0.39
CA PRO B 253 0.84 18.96 0.69
C PRO B 253 0.76 19.29 2.18
N HIS B 254 1.85 19.14 2.90
CA HIS B 254 1.90 19.52 4.32
C HIS B 254 0.75 18.90 5.12
N ILE B 255 0.60 17.59 5.01
CA ILE B 255 -0.49 16.88 5.69
C ILE B 255 -0.01 15.77 6.61
N ALA B 256 1.29 15.60 6.73
CA ALA B 256 1.86 14.56 7.60
C ALA B 256 1.17 14.53 8.97
N GLY B 257 1.03 15.70 9.59
CA GLY B 257 0.42 15.80 10.91
C GLY B 257 -1.10 15.65 10.97
N TYR B 258 -1.74 15.57 9.79
CA TYR B 258 -3.20 15.72 9.66
C TYR B 258 -4.10 14.54 10.06
N SER B 259 -3.67 13.78 11.06
CA SER B 259 -4.53 12.74 11.63
C SER B 259 -5.74 13.32 12.33
N LEU B 260 -6.81 12.51 12.38
CA LEU B 260 -8.07 12.83 13.03
C LEU B 260 -7.85 13.17 14.51
N GLU B 261 -7.07 12.34 15.19
CA GLU B 261 -6.66 12.59 16.57
C GLU B 261 -5.89 13.89 16.71
N GLY B 262 -4.95 14.13 15.82
CA GLY B 262 -4.10 15.33 15.88
C GLY B 262 -4.84 16.66 15.77
N LYS B 263 -6.00 16.64 15.12
CA LYS B 263 -6.79 17.86 14.96
C LYS B 263 -7.65 18.18 16.18
N LEU B 264 -7.94 17.14 16.98
CA LEU B 264 -8.77 17.27 18.16
C LEU B 264 -7.95 17.29 19.45
N ARG B 265 -6.76 16.70 19.38
CA ARG B 265 -5.86 16.59 20.53
C ARG B 265 -5.42 17.97 21.07
N GLY B 266 -5.28 18.95 20.18
CA GLY B 266 -4.96 20.32 20.58
C GLY B 266 -5.91 20.90 21.61
N THR B 267 -7.20 20.82 21.31
CA THR B 267 -8.26 21.24 22.21
C THR B 267 -8.22 20.43 23.52
N ALA B 268 -8.01 19.12 23.41
CA ALA B 268 -7.97 18.23 24.57
C ALA B 268 -6.83 18.61 25.54
N GLN B 269 -5.66 18.87 24.98
CA GLN B 269 -4.46 19.21 25.75
C GLN B 269 -4.56 20.57 26.43
N ILE B 270 -5.18 21.54 25.75
CA ILE B 270 -5.42 22.86 26.32
C ILE B 270 -6.38 22.73 27.51
N TYR B 271 -7.45 21.98 27.30
CA TYR B 271 -8.43 21.68 28.35
C TYR B 271 -7.82 21.00 29.57
N GLN B 272 -6.84 20.13 29.35
CA GLN B 272 -6.17 19.41 30.44
C GLN B 272 -5.33 20.35 31.30
N ALA B 273 -4.66 21.30 30.64
CA ALA B 273 -3.87 22.31 31.33
C ALA B 273 -4.81 23.29 32.03
N TYR B 274 -5.93 23.60 31.39
CA TYR B 274 -6.98 24.44 31.96
C TYR B 274 -7.59 23.83 33.24
N CYS B 275 -7.71 22.50 33.26
CA CYS B 275 -8.17 21.78 34.44
C CYS B 275 -7.08 21.77 35.52
N ALA B 276 -5.83 21.56 35.10
CA ALA B 276 -4.69 21.58 36.02
C ALA B 276 -4.50 22.95 36.68
N TRP B 277 -4.78 24.01 35.92
CA TRP B 277 -4.68 25.39 36.38
C TRP B 277 -5.78 25.73 37.39
N ARG B 278 -7.02 25.40 37.03
CA ARG B 278 -8.19 25.63 37.89
C ARG B 278 -8.25 24.67 39.09
N GLY B 279 -7.40 23.65 39.10
CA GLY B 279 -7.44 22.63 40.12
C GLY B 279 -8.74 21.83 40.11
N ILE B 280 -9.23 21.53 38.91
CA ILE B 280 -10.45 20.71 38.74
C ILE B 280 -10.16 19.41 37.98
N ALA B 281 -10.95 18.37 38.27
CA ALA B 281 -10.85 17.09 37.57
C ALA B 281 -11.35 17.22 36.13
N GLU B 282 -10.78 16.42 35.23
CA GLU B 282 -11.22 16.41 33.83
C GLU B 282 -12.59 15.77 33.68
N ARG B 283 -13.51 16.48 33.04
CA ARG B 283 -14.86 15.96 32.83
C ARG B 283 -15.02 15.25 31.48
N VAL B 284 -14.18 15.61 30.51
CA VAL B 284 -14.23 15.02 29.16
C VAL B 284 -12.84 14.75 28.58
N SER B 285 -12.68 13.58 27.96
CA SER B 285 -11.40 13.13 27.42
C SER B 285 -11.33 13.21 25.90
N LEU B 286 -10.13 13.03 25.35
CA LEU B 286 -9.95 12.89 23.90
C LEU B 286 -10.78 11.71 23.38
N GLN B 287 -10.67 10.56 24.06
CA GLN B 287 -11.47 9.36 23.78
C GLN B 287 -12.96 9.68 23.68
N ASP B 288 -13.52 10.36 24.68
CA ASP B 288 -14.94 10.77 24.70
C ASP B 288 -15.38 11.43 23.40
N VAL B 289 -14.48 12.22 22.83
CA VAL B 289 -14.78 13.10 21.70
C VAL B 289 -14.44 12.49 20.31
N LEU B 290 -13.46 11.59 20.28
CA LEU B 290 -13.08 10.92 19.03
C LEU B 290 -14.15 9.96 18.53
N PRO B 291 -14.44 10.01 17.22
CA PRO B 291 -15.32 8.97 16.69
C PRO B 291 -14.61 7.59 16.77
N GLU B 292 -15.41 6.53 16.77
CA GLU B 292 -14.90 5.17 16.68
C GLU B 292 -13.98 5.06 15.46
N THR B 293 -12.86 4.37 15.64
CA THR B 293 -11.96 4.06 14.54
C THR B 293 -12.63 3.10 13.52
N TRP B 294 -12.22 3.15 12.26
CA TRP B 294 -12.73 2.22 11.23
C TRP B 294 -12.15 0.82 11.39
N LEU B 295 -10.84 0.77 11.60
CA LEU B 295 -10.13 -0.48 11.83
C LEU B 295 -9.87 -0.63 13.31
N ALA B 296 -10.67 -1.47 13.96
CA ALA B 296 -10.52 -1.74 15.39
C ALA B 296 -9.17 -2.38 15.65
N GLY B 297 -8.90 -3.43 14.89
CA GLY B 297 -7.70 -4.18 15.13
C GLY B 297 -7.38 -5.22 14.09
N LEU B 298 -6.32 -5.96 14.38
CA LEU B 298 -5.78 -6.89 13.44
C LEU B 298 -5.14 -8.02 14.23
N GLN B 299 -5.29 -9.26 13.73
CA GLN B 299 -4.67 -10.41 14.37
C GLN B 299 -3.57 -11.00 13.49
N LEU B 300 -2.38 -11.12 14.05
CA LEU B 300 -1.27 -11.81 13.42
C LEU B 300 -1.13 -13.19 14.05
N ASN B 301 -0.79 -14.19 13.23
CA ASN B 301 -0.39 -15.50 13.76
C ASN B 301 1.09 -15.47 14.13
N PRO B 302 1.51 -16.27 15.14
CA PRO B 302 2.89 -16.21 15.62
C PRO B 302 3.99 -16.57 14.61
N GLY B 303 3.64 -17.24 13.51
CA GLY B 303 4.65 -17.51 12.47
C GLY B 303 5.00 -16.32 11.58
N CYS B 304 4.25 -15.23 11.72
CA CYS B 304 4.39 -14.04 10.87
C CYS B 304 5.79 -13.43 10.92
N ASP B 305 6.36 -13.22 9.73
CA ASP B 305 7.62 -12.52 9.60
C ASP B 305 7.45 -11.12 10.21
N PRO B 306 8.35 -10.74 11.12
CA PRO B 306 8.33 -9.43 11.82
C PRO B 306 8.35 -8.20 10.92
N ALA B 307 9.18 -8.24 9.88
CA ALA B 307 9.27 -7.16 8.90
C ALA B 307 7.99 -7.04 8.08
N TRP B 308 7.42 -8.18 7.70
CA TRP B 308 6.12 -8.23 7.04
C TRP B 308 5.01 -7.67 7.95
N ALA B 309 4.99 -8.06 9.21
CA ALA B 309 4.04 -7.50 10.21
C ALA B 309 4.12 -5.98 10.31
N LEU B 310 5.33 -5.46 10.48
CA LEU B 310 5.57 -4.01 10.53
C LEU B 310 4.91 -3.25 9.36
N ALA B 311 5.17 -3.70 8.13
CA ALA B 311 4.67 -3.00 6.93
C ALA B 311 3.16 -3.11 6.86
N THR B 312 2.66 -4.30 7.18
CA THR B 312 1.23 -4.58 7.16
C THR B 312 0.50 -3.71 8.19
N LEU B 313 1.04 -3.64 9.40
CA LEU B 313 0.46 -2.82 10.48
C LEU B 313 0.36 -1.34 10.15
N CYS B 314 1.47 -0.74 9.71
CA CYS B 314 1.51 0.69 9.38
C CYS B 314 0.60 1.05 8.21
N ARG B 315 0.66 0.27 7.13
CA ARG B 315 -0.11 0.55 5.92
C ARG B 315 -1.62 0.31 6.09
N ALA B 316 -1.99 -0.64 6.93
CA ALA B 316 -3.40 -0.85 7.30
C ALA B 316 -4.02 0.43 7.88
N VAL B 317 -3.24 1.17 8.67
CA VAL B 317 -3.68 2.45 9.24
C VAL B 317 -3.50 3.62 8.26
N TYR B 318 -2.31 3.74 7.69
CA TYR B 318 -1.95 4.88 6.83
C TYR B 318 -0.79 4.59 5.87
N ASP B 319 -1.06 4.72 4.57
CA ASP B 319 -0.02 4.66 3.54
C ASP B 319 -0.04 6.02 2.83
N PRO B 320 1.02 6.82 3.00
CA PRO B 320 1.05 8.17 2.40
C PRO B 320 1.06 8.17 0.87
N ARG B 321 1.31 7.00 0.28
CA ARG B 321 1.22 6.86 -1.19
C ARG B 321 -0.14 7.28 -1.71
N SER B 322 -1.19 7.12 -0.89
CA SER B 322 -2.53 7.58 -1.27
C SER B 322 -2.60 9.09 -1.32
N ASP B 323 -1.95 9.77 -0.37
CA ASP B 323 -1.89 11.23 -0.37
C ASP B 323 -1.00 11.73 -1.50
N ASP B 324 0.06 10.97 -1.78
CA ASP B 324 0.97 11.25 -2.91
C ASP B 324 0.23 11.29 -4.25
N ALA B 325 -0.68 10.32 -4.46
CA ALA B 325 -1.46 10.21 -5.69
C ALA B 325 -2.41 11.39 -5.89
N ALA B 326 -3.07 11.80 -4.81
CA ALA B 326 -3.94 12.96 -4.80
C ALA B 326 -3.16 14.24 -5.06
N PHE B 327 -1.93 14.31 -4.52
CA PHE B 327 -1.06 15.46 -4.74
C PHE B 327 -0.60 15.61 -6.20
N ARG B 328 -0.27 14.50 -6.87
CA ARG B 328 0.15 14.56 -8.28
C ARG B 328 -0.97 15.16 -9.16
N ARG B 329 -2.21 14.78 -8.89
CA ARG B 329 -3.36 15.32 -9.62
C ARG B 329 -3.54 16.82 -9.37
N SER B 330 -3.19 17.28 -8.18
CA SER B 330 -3.28 18.72 -7.83
C SER B 330 -2.27 19.58 -8.57
N LEU B 331 -1.32 18.95 -9.24
CA LEU B 331 -0.23 19.67 -9.91
C LEU B 331 -0.39 19.79 -11.43
N THR B 332 -1.61 19.61 -11.93
CA THR B 332 -1.84 19.57 -13.39
C THR B 332 -2.11 20.94 -14.04
N GLY B 333 -2.72 21.87 -13.29
CA GLY B 333 -3.11 23.16 -13.87
C GLY B 333 -2.02 24.22 -13.87
N ASP B 334 -2.44 25.48 -14.02
CA ASP B 334 -1.49 26.61 -13.97
C ASP B 334 -1.16 26.96 -12.51
N SER B 335 -0.16 27.81 -12.32
CA SER B 335 0.27 28.22 -10.98
C SER B 335 -0.90 28.46 -10.03
N ALA B 336 -1.86 29.25 -10.50
CA ALA B 336 -3.02 29.66 -9.69
C ALA B 336 -3.92 28.50 -9.28
N THR B 337 -4.07 27.51 -10.16
CA THR B 337 -4.92 26.35 -9.84
C THR B 337 -4.21 25.35 -8.92
N ARG B 338 -2.92 25.13 -9.19
CA ARG B 338 -2.07 24.30 -8.32
C ARG B 338 -2.06 24.80 -6.88
N ARG B 339 -1.95 26.12 -6.68
CA ARG B 339 -2.03 26.74 -5.36
C ARG B 339 -3.35 26.46 -4.68
N ALA B 340 -4.45 26.71 -5.40
CA ALA B 340 -5.79 26.50 -4.85
C ALA B 340 -6.04 25.01 -4.54
N ALA B 341 -5.53 24.13 -5.42
CA ALA B 341 -5.67 22.69 -5.23
C ALA B 341 -4.86 22.18 -4.01
N PHE B 342 -3.66 22.73 -3.83
CA PHE B 342 -2.81 22.45 -2.65
C PHE B 342 -3.59 22.67 -1.36
N ASP B 343 -4.21 23.84 -1.24
CA ASP B 343 -4.96 24.21 -0.04
C ASP B 343 -6.26 23.41 0.13
N ALA B 344 -6.89 23.06 -0.99
CA ALA B 344 -8.12 22.27 -0.99
C ALA B 344 -7.88 20.84 -0.51
N LEU B 345 -6.73 20.28 -0.86
CA LEU B 345 -6.32 18.95 -0.40
C LEU B 345 -6.19 18.92 1.11
N ARG B 346 -5.66 20.01 1.66
CA ARG B 346 -5.48 20.16 3.11
C ARG B 346 -6.83 20.35 3.81
N LYS B 347 -7.71 21.14 3.20
CA LYS B 347 -9.03 21.43 3.77
C LYS B 347 -9.96 20.22 3.73
N HIS B 348 -9.85 19.42 2.67
CA HIS B 348 -10.72 18.27 2.49
C HIS B 348 -10.04 16.95 2.82
N TYR B 349 -8.93 17.04 3.56
CA TYR B 349 -8.16 15.85 3.95
C TYR B 349 -9.07 14.80 4.59
N PRO B 350 -8.99 13.54 4.10
CA PRO B 350 -9.88 12.47 4.59
C PRO B 350 -9.55 12.03 6.02
N PRO B 351 -10.53 11.38 6.71
CA PRO B 351 -10.27 10.89 8.06
C PRO B 351 -9.15 9.87 8.07
N ARG B 352 -8.13 10.14 8.88
CA ARG B 352 -6.96 9.29 8.97
C ARG B 352 -6.62 9.12 10.45
N ARG B 353 -6.49 7.87 10.86
CA ARG B 353 -6.20 7.57 12.27
C ARG B 353 -4.71 7.35 12.48
N GLU B 354 -4.31 7.14 13.73
CA GLU B 354 -2.90 6.96 14.12
C GLU B 354 -2.63 5.51 14.49
N ILE B 355 -1.38 5.08 14.32
CA ILE B 355 -1.00 3.67 14.52
C ILE B 355 -1.13 3.25 16.00
N THR B 356 -0.95 4.25 16.88
CA THR B 356 -1.06 4.05 18.32
C THR B 356 -2.47 3.62 18.74
N GLY B 357 -3.44 3.86 17.87
CA GLY B 357 -4.82 3.45 18.13
C GLY B 357 -5.17 2.03 17.71
N LEU B 358 -4.27 1.38 16.97
CA LEU B 358 -4.52 0.03 16.43
C LEU B 358 -4.34 -1.03 17.50
N ARG B 359 -5.32 -1.91 17.61
CA ARG B 359 -5.21 -3.06 18.50
C ARG B 359 -4.64 -4.28 17.74
N VAL B 360 -3.59 -4.89 18.27
CA VAL B 360 -2.93 -6.00 17.60
C VAL B 360 -2.77 -7.24 18.50
N ALA B 361 -3.37 -8.35 18.08
CA ALA B 361 -3.11 -9.66 18.66
C ALA B 361 -1.94 -10.29 17.91
N THR B 362 -1.04 -10.94 18.66
CA THR B 362 0.20 -11.50 18.12
C THR B 362 0.34 -12.99 18.44
N GLY B 363 -0.65 -13.53 19.14
CA GLY B 363 -0.60 -14.93 19.62
C GLY B 363 0.53 -15.22 20.59
N GLY B 364 0.99 -14.19 21.31
CA GLY B 364 2.07 -14.33 22.29
C GLY B 364 3.50 -14.32 21.75
N GLN B 365 3.66 -14.05 20.45
CA GLN B 365 4.98 -14.10 19.81
C GLN B 365 5.83 -12.88 20.18
N ALA B 366 7.02 -13.12 20.71
CA ALA B 366 7.86 -12.09 21.33
C ALA B 366 8.35 -11.03 20.34
N GLU B 367 8.88 -11.48 19.21
CA GLU B 367 9.34 -10.57 18.15
C GLU B 367 8.22 -9.77 17.53
N LEU B 368 7.01 -10.34 17.52
CA LEU B 368 5.84 -9.60 17.04
C LEU B 368 5.38 -8.60 18.09
N GLN B 369 5.40 -9.01 19.36
CA GLN B 369 5.10 -8.11 20.48
C GLN B 369 6.04 -6.90 20.50
N ARG B 370 7.33 -7.14 20.28
CA ARG B 370 8.32 -6.08 20.15
C ARG B 370 7.96 -5.05 19.07
N VAL B 371 7.48 -5.52 17.91
CA VAL B 371 7.05 -4.64 16.83
C VAL B 371 5.86 -3.76 17.24
N VAL B 372 4.82 -4.37 17.78
CA VAL B 372 3.64 -3.64 18.26
C VAL B 372 4.01 -2.54 19.28
N ARG B 373 4.81 -2.91 20.26
CA ARG B 373 5.25 -1.99 21.32
C ARG B 373 6.09 -0.85 20.78
N ALA B 374 7.03 -1.16 19.89
CA ALA B 374 7.90 -0.16 19.28
C ALA B 374 7.08 0.85 18.47
N LEU B 375 6.05 0.37 17.78
CA LEU B 375 5.16 1.22 17.01
C LEU B 375 4.26 2.07 17.90
N GLY B 376 4.04 1.62 19.14
CA GLY B 376 3.12 2.28 20.06
C GLY B 376 1.69 1.81 19.93
N ALA B 377 1.45 0.80 19.11
CA ALA B 377 0.13 0.20 18.99
C ALA B 377 -0.20 -0.61 20.24
N GLN B 378 -1.46 -1.03 20.38
CA GLN B 378 -1.94 -1.72 21.59
C GLN B 378 -1.95 -3.25 21.46
N LEU B 379 -1.20 -3.91 22.32
CA LEU B 379 -1.21 -5.37 22.41
C LEU B 379 -2.48 -5.86 23.09
N VAL B 380 -3.15 -6.82 22.45
CA VAL B 380 -4.45 -7.31 22.94
C VAL B 380 -4.51 -8.83 22.90
#